data_4XJL
#
_entry.id   4XJL
#
_cell.length_a   63.294
_cell.length_b   66.008
_cell.length_c   203.634
_cell.angle_alpha   90.000
_cell.angle_beta   90.000
_cell.angle_gamma   90.000
#
_symmetry.space_group_name_H-M   'P 21 21 21'
#
loop_
_entity.id
_entity.type
_entity.pdbx_description
1 polymer 'Adenosylmethionine-8-amino-7-oxononanoate aminotransferase'
2 non-polymer 'TRIETHYLENE GLYCOL'
3 non-polymer "PYRIDOXAL-5'-PHOSPHATE"
4 non-polymer N-(1,2,3-benzothiadiazol-5-yl)-4-phenylpiperazine-1-carboxamide
5 non-polymer DI(HYDROXYETHYL)ETHER
6 water water
#
_entity_poly.entity_id   1
_entity_poly.type   'polypeptide(L)'
_entity_poly.pdbx_seq_one_letter_code
;MGSSHHHHHHSSGLVPRGSHMAAATGGLTPEQIIAVDGAHLWHPYSSIGREAVSPVVAVAAHGAWLTLIRDGQPIEVLDA
MSSWWTAIHGHGHPALDQALTTQLRVMNHVMFGGLTHEPAARLAKLLVDITPAGLDTVFFSDSGSVSVEVAAKMALQYWR
GRGLPGKRRLMTWRGGYHGDTFLAMSICDPHGGMHSLWTDVLAAQVFAPQVPRDYDPAYSAAFEAQLAQHAGELAAVVVE
PVVQGAGGMRFHDPRYLHDLRDICRRYEVLLIFDEIATGFGRTGALFAADHAGVSPDIMCVGKALTGGYLSLAATLCTAD
VAHTISAGAAGALMHGPTFMANPLACAVSVASVELLLGQDWRTRITELAAGLTAGLDTARALPAVTDVRVCGAIGVIECD
RPVDLAVATPAALDRGVWLRPFRNLVYAMPPYICTPAEITQITSAMVEVARLVGSLP
;
_entity_poly.pdbx_strand_id   A,B
#
loop_
_chem_comp.id
_chem_comp.type
_chem_comp.name
_chem_comp.formula
41F non-polymer N-(1,2,3-benzothiadiazol-5-yl)-4-phenylpiperazine-1-carboxamide 'C17 H17 N5 O S'
PEG non-polymer DI(HYDROXYETHYL)ETHER 'C4 H10 O3'
PGE non-polymer 'TRIETHYLENE GLYCOL' 'C6 H14 O4'
PLP non-polymer PYRIDOXAL-5'-PHOSPHATE 'C8 H10 N O6 P'
#
# COMPACT_ATOMS: atom_id res chain seq x y z
N LEU A 28 -15.98 -22.60 4.83
CA LEU A 28 -15.00 -23.54 4.24
C LEU A 28 -14.30 -24.35 5.33
N THR A 29 -14.16 -25.65 5.11
CA THR A 29 -13.37 -26.49 6.01
C THR A 29 -11.88 -26.27 5.76
N PRO A 30 -11.00 -26.68 6.70
CA PRO A 30 -9.57 -26.51 6.45
C PRO A 30 -9.09 -27.20 5.16
N GLU A 31 -9.65 -28.37 4.87
CA GLU A 31 -9.38 -29.06 3.61
C GLU A 31 -9.75 -28.22 2.39
N GLN A 32 -10.93 -27.61 2.42
CA GLN A 32 -11.40 -26.77 1.32
C GLN A 32 -10.56 -25.51 1.17
N ILE A 33 -10.16 -24.92 2.30
CA ILE A 33 -9.29 -23.75 2.30
C ILE A 33 -7.97 -24.08 1.59
N ILE A 34 -7.38 -25.22 1.96
CA ILE A 34 -6.15 -25.72 1.31
C ILE A 34 -6.33 -25.90 -0.19
N ALA A 35 -7.48 -26.46 -0.60
CA ALA A 35 -7.75 -26.69 -2.02
C ALA A 35 -7.82 -25.37 -2.79
N VAL A 36 -8.57 -24.41 -2.26
CA VAL A 36 -8.69 -23.09 -2.87
C VAL A 36 -7.33 -22.40 -2.94
N ASP A 37 -6.59 -22.46 -1.83
CA ASP A 37 -5.27 -21.86 -1.70
C ASP A 37 -4.27 -22.36 -2.74
N GLY A 38 -4.13 -23.68 -2.86
CA GLY A 38 -3.16 -24.26 -3.81
C GLY A 38 -3.45 -23.88 -5.25
N ALA A 39 -4.73 -23.75 -5.56
CA ALA A 39 -5.19 -23.44 -6.93
C ALA A 39 -5.22 -21.94 -7.28
N HIS A 40 -5.42 -21.07 -6.28
CA HIS A 40 -5.78 -19.68 -6.59
C HIS A 40 -5.03 -18.58 -5.88
N LEU A 41 -4.33 -18.91 -4.79
CA LEU A 41 -3.66 -17.87 -3.99
C LEU A 41 -2.14 -17.82 -4.12
N TRP A 42 -1.60 -16.65 -4.48
CA TRP A 42 -0.16 -16.41 -4.38
C TRP A 42 0.18 -16.15 -2.95
N HIS A 43 1.36 -16.59 -2.51
CA HIS A 43 1.90 -16.24 -1.20
C HIS A 43 3.15 -15.40 -1.32
N PRO A 44 3.63 -14.79 -0.22
CA PRO A 44 4.82 -13.93 -0.36
C PRO A 44 6.00 -14.69 -0.96
N TYR A 45 6.62 -14.12 -1.99
CA TYR A 45 7.81 -14.71 -2.61
C TYR A 45 7.65 -16.20 -2.90
N SER A 46 6.51 -16.56 -3.49
CA SER A 46 6.16 -17.95 -3.71
C SER A 46 5.85 -18.21 -5.17
N SER A 47 5.70 -19.49 -5.49
CA SER A 47 5.28 -19.94 -6.78
C SER A 47 3.78 -20.20 -6.73
N ILE A 48 3.21 -20.54 -7.87
CA ILE A 48 1.91 -21.22 -7.92
C ILE A 48 2.20 -22.65 -8.36
N GLY A 49 1.76 -23.62 -7.58
CA GLY A 49 1.88 -25.04 -7.94
C GLY A 49 3.24 -25.70 -7.76
N ARG A 50 4.22 -24.97 -7.22
CA ARG A 50 5.57 -25.52 -7.03
C ARG A 50 6.07 -25.37 -5.59
N GLU A 51 5.13 -25.31 -4.65
CA GLU A 51 5.46 -25.15 -3.24
C GLU A 51 5.88 -26.48 -2.63
N ALA A 52 7.09 -26.52 -2.07
CA ALA A 52 7.60 -27.72 -1.38
C ALA A 52 6.81 -28.00 -0.11
N VAL A 53 6.40 -26.93 0.57
CA VAL A 53 5.69 -27.01 1.83
C VAL A 53 4.35 -26.31 1.69
N SER A 54 3.26 -27.02 1.94
CA SER A 54 1.93 -26.42 1.96
C SER A 54 1.80 -25.41 3.11
N PRO A 55 1.01 -24.33 2.91
CA PRO A 55 0.75 -23.44 4.04
C PRO A 55 -0.13 -24.12 5.07
N VAL A 56 -0.01 -23.71 6.33
CA VAL A 56 -0.82 -24.23 7.42
C VAL A 56 -2.04 -23.32 7.62
N VAL A 57 -3.22 -23.92 7.78
CA VAL A 57 -4.43 -23.14 8.00
C VAL A 57 -4.47 -22.54 9.42
N ALA A 58 -4.61 -21.21 9.50
CA ALA A 58 -4.85 -20.49 10.75
C ALA A 58 -6.34 -20.23 10.89
N VAL A 59 -6.90 -20.51 12.06
CA VAL A 59 -8.34 -20.33 12.28
C VAL A 59 -8.69 -19.33 13.39
N ALA A 60 -7.70 -18.94 14.19
CA ALA A 60 -7.90 -17.97 15.26
C ALA A 60 -6.58 -17.38 15.73
N ALA A 61 -6.65 -16.22 16.34
CA ALA A 61 -5.49 -15.61 16.96
C ALA A 61 -5.94 -14.78 18.15
N HIS A 62 -5.33 -15.04 19.31
CA HIS A 62 -5.69 -14.37 20.57
C HIS A 62 -4.47 -14.24 21.45
N GLY A 63 -4.17 -13.01 21.88
CA GLY A 63 -2.94 -12.75 22.64
C GLY A 63 -1.70 -13.16 21.85
N ALA A 64 -0.79 -13.89 22.49
CA ALA A 64 0.43 -14.34 21.82
C ALA A 64 0.25 -15.64 21.03
N TRP A 65 -0.99 -16.11 20.92
CA TRP A 65 -1.26 -17.46 20.45
C TRP A 65 -2.04 -17.54 19.17
N LEU A 66 -1.63 -18.46 18.30
CA LEU A 66 -2.33 -18.77 17.05
C LEU A 66 -3.02 -20.12 17.17
N THR A 67 -4.23 -20.24 16.64
CA THR A 67 -4.85 -21.55 16.51
C THR A 67 -4.68 -22.04 15.07
N LEU A 68 -3.88 -23.09 14.92
CA LEU A 68 -3.56 -23.64 13.61
C LEU A 68 -4.13 -25.05 13.48
N ILE A 69 -4.33 -25.50 12.24
CA ILE A 69 -4.84 -26.84 11.97
C ILE A 69 -3.69 -27.77 11.61
N ARG A 70 -3.53 -28.83 12.40
CA ARG A 70 -2.51 -29.81 12.15
C ARG A 70 -3.16 -31.18 12.20
N ASP A 71 -3.15 -31.86 11.05
CA ASP A 71 -3.80 -33.16 10.89
C ASP A 71 -5.27 -33.10 11.32
N GLY A 72 -5.99 -32.10 10.81
CA GLY A 72 -7.41 -31.94 11.08
C GLY A 72 -7.75 -31.48 12.48
N GLN A 73 -6.74 -31.28 13.33
CA GLN A 73 -6.97 -30.87 14.70
C GLN A 73 -6.43 -29.47 15.00
N PRO A 74 -7.23 -28.63 15.67
CA PRO A 74 -6.76 -27.30 16.07
C PRO A 74 -5.74 -27.37 17.21
N ILE A 75 -4.59 -26.73 17.02
CA ILE A 75 -3.55 -26.65 18.05
C ILE A 75 -3.19 -25.18 18.32
N GLU A 76 -2.94 -24.86 19.58
CA GLU A 76 -2.56 -23.52 19.99
C GLU A 76 -1.03 -23.39 20.00
N VAL A 77 -0.51 -22.43 19.24
CA VAL A 77 0.95 -22.22 19.20
C VAL A 77 1.32 -20.76 19.39
N LEU A 78 2.50 -20.52 19.95
CA LEU A 78 2.99 -19.16 20.15
C LEU A 78 3.40 -18.49 18.83
N ASP A 79 2.90 -17.27 18.61
CA ASP A 79 3.30 -16.47 17.45
C ASP A 79 4.65 -15.83 17.71
N ALA A 80 5.71 -16.63 17.55
CA ALA A 80 7.06 -16.19 17.86
C ALA A 80 7.56 -15.12 16.88
N MET A 81 6.89 -15.00 15.74
CA MET A 81 7.28 -14.05 14.70
C MET A 81 6.53 -12.72 14.80
N SER A 82 5.62 -12.60 15.78
CA SER A 82 4.62 -11.51 15.83
C SER A 82 3.96 -11.28 14.46
N SER A 83 3.70 -12.36 13.72
CA SER A 83 3.07 -12.24 12.39
C SER A 83 3.84 -11.25 11.52
N TRP A 84 5.11 -11.57 11.30
CA TRP A 84 6.02 -10.76 10.48
C TRP A 84 6.18 -9.38 11.09
N TRP A 85 6.47 -9.39 12.40
CA TRP A 85 6.95 -8.22 13.14
C TRP A 85 5.90 -7.17 13.42
N THR A 86 4.62 -7.55 13.32
CA THR A 86 3.50 -6.60 13.43
C THR A 86 2.80 -6.61 14.81
N ALA A 87 2.61 -7.79 15.37
CA ALA A 87 1.69 -7.98 16.49
C ALA A 87 2.34 -7.70 17.85
N ILE A 88 2.79 -6.45 18.05
CA ILE A 88 3.56 -6.11 19.25
C ILE A 88 2.78 -6.28 20.56
N HIS A 89 1.46 -6.11 20.51
CA HIS A 89 0.61 -6.22 21.69
C HIS A 89 -0.17 -7.50 21.69
N GLY A 90 0.21 -8.41 20.81
CA GLY A 90 -0.55 -9.64 20.60
C GLY A 90 -1.81 -9.40 19.80
N HIS A 91 -2.52 -10.48 19.49
CA HIS A 91 -3.74 -10.40 18.68
C HIS A 91 -4.95 -10.18 19.54
N GLY A 92 -5.93 -9.46 19.01
CA GLY A 92 -7.20 -9.26 19.73
C GLY A 92 -7.06 -8.67 21.12
N HIS A 93 -6.14 -7.71 21.26
CA HIS A 93 -6.01 -6.93 22.48
C HIS A 93 -7.25 -6.09 22.70
N PRO A 94 -7.84 -6.14 23.92
CA PRO A 94 -9.10 -5.41 24.18
C PRO A 94 -9.05 -3.90 23.85
N ALA A 95 -7.93 -3.24 24.14
CA ALA A 95 -7.81 -1.79 23.86
C ALA A 95 -7.86 -1.49 22.36
N LEU A 96 -7.26 -2.36 21.55
CA LEU A 96 -7.18 -2.12 20.11
C LEU A 96 -8.46 -2.56 19.40
N ASP A 97 -9.02 -3.70 19.80
CA ASP A 97 -10.34 -4.14 19.35
C ASP A 97 -11.39 -3.03 19.58
N GLN A 98 -11.37 -2.46 20.79
CA GLN A 98 -12.33 -1.43 21.20
C GLN A 98 -12.13 -0.14 20.40
N ALA A 99 -10.86 0.23 20.15
CA ALA A 99 -10.53 1.39 19.33
C ALA A 99 -11.13 1.24 17.93
N LEU A 100 -10.95 0.06 17.34
CA LEU A 100 -11.50 -0.23 16.01
C LEU A 100 -13.02 -0.08 15.98
N THR A 101 -13.73 -0.79 16.87
CA THR A 101 -15.19 -0.77 16.87
C THR A 101 -15.80 0.61 17.19
N THR A 102 -15.14 1.39 18.04
N THR A 102 -15.14 1.37 18.06
CA THR A 102 -15.62 2.74 18.37
CA THR A 102 -15.56 2.74 18.39
C THR A 102 -15.47 3.73 17.21
C THR A 102 -15.52 3.62 17.15
N GLN A 103 -14.41 3.58 16.42
CA GLN A 103 -14.27 4.38 15.20
C GLN A 103 -15.25 3.90 14.12
N LEU A 104 -15.45 2.59 14.04
CA LEU A 104 -16.35 1.97 13.08
C LEU A 104 -17.78 2.50 13.25
N ARG A 105 -18.14 2.79 14.50
CA ARG A 105 -19.44 3.32 14.86
C ARG A 105 -19.70 4.73 14.33
N VAL A 106 -18.65 5.53 14.17
CA VAL A 106 -18.82 6.94 13.77
C VAL A 106 -18.46 7.25 12.31
N MET A 107 -17.32 6.74 11.84
CA MET A 107 -16.81 7.06 10.50
C MET A 107 -15.77 6.03 10.04
N ASN A 108 -16.16 5.16 9.11
CA ASN A 108 -15.24 4.16 8.55
C ASN A 108 -14.06 4.72 7.78
N HIS A 109 -14.34 5.65 6.88
CA HIS A 109 -13.35 6.27 5.99
C HIS A 109 -13.97 7.45 5.31
N VAL A 110 -13.18 8.48 5.08
CA VAL A 110 -13.54 9.56 4.17
C VAL A 110 -12.30 9.87 3.33
N MET A 111 -12.50 10.43 2.14
CA MET A 111 -11.37 10.82 1.31
C MET A 111 -10.58 11.95 1.99
N PHE A 112 -9.26 11.87 1.91
CA PHE A 112 -8.39 12.84 2.57
C PHE A 112 -8.11 14.06 1.68
N GLY A 113 -8.72 14.06 0.49
CA GLY A 113 -8.65 15.21 -0.42
C GLY A 113 -9.69 16.25 -0.08
N GLY A 114 -9.27 17.32 0.60
CA GLY A 114 -10.17 18.41 0.98
C GLY A 114 -10.84 18.21 2.33
N LEU A 115 -10.64 17.04 2.94
CA LEU A 115 -11.20 16.73 4.25
C LEU A 115 -10.09 16.33 5.21
N THR A 116 -10.31 16.60 6.49
CA THR A 116 -9.45 16.11 7.54
C THR A 116 -10.30 15.50 8.66
N HIS A 117 -9.68 14.85 9.62
CA HIS A 117 -10.42 14.20 10.69
C HIS A 117 -9.62 13.94 11.93
N GLU A 118 -10.32 13.58 13.00
CA GLU A 118 -9.70 13.41 14.32
C GLU A 118 -8.66 12.29 14.40
N PRO A 119 -8.97 11.10 13.82
CA PRO A 119 -7.94 10.07 13.89
C PRO A 119 -6.59 10.46 13.24
N ALA A 120 -6.62 11.09 12.06
CA ALA A 120 -5.39 11.56 11.40
C ALA A 120 -4.64 12.60 12.23
N ALA A 121 -5.37 13.57 12.77
CA ALA A 121 -4.80 14.64 13.59
C ALA A 121 -4.17 14.11 14.88
N ARG A 122 -4.90 13.25 15.60
CA ARG A 122 -4.39 12.62 16.83
C ARG A 122 -3.12 11.80 16.56
N LEU A 123 -3.13 11.02 15.48
CA LEU A 123 -1.98 10.20 15.16
C LEU A 123 -0.78 11.03 14.70
N ALA A 124 -1.01 12.05 13.88
CA ALA A 124 0.10 12.90 13.43
C ALA A 124 0.74 13.61 14.62
N LYS A 125 -0.10 14.07 15.55
CA LYS A 125 0.39 14.76 16.75
C LYS A 125 1.26 13.82 17.59
N LEU A 126 0.79 12.59 17.81
CA LEU A 126 1.56 11.57 18.52
C LEU A 126 2.90 11.28 17.85
N LEU A 127 2.87 11.02 16.55
CA LEU A 127 4.07 10.62 15.84
C LEU A 127 5.13 11.73 15.85
N VAL A 128 4.69 12.97 15.62
CA VAL A 128 5.59 14.12 15.65
C VAL A 128 6.27 14.25 17.02
N ASP A 129 5.52 13.98 18.08
N ASP A 129 5.52 14.02 18.09
CA ASP A 129 5.98 14.16 19.46
CA ASP A 129 6.07 14.17 19.43
C ASP A 129 6.86 13.04 20.02
C ASP A 129 7.10 13.11 19.80
N ILE A 130 6.84 11.86 19.40
CA ILE A 130 7.65 10.72 19.87
C ILE A 130 8.83 10.30 18.98
N THR A 131 8.84 10.77 17.73
CA THR A 131 9.93 10.44 16.79
C THR A 131 11.14 11.34 17.05
N PRO A 132 12.31 11.01 16.48
CA PRO A 132 13.48 11.89 16.65
C PRO A 132 13.19 13.34 16.34
N ALA A 133 13.78 14.24 17.13
CA ALA A 133 13.49 15.66 17.07
C ALA A 133 13.62 16.20 15.65
N GLY A 134 12.72 17.11 15.31
CA GLY A 134 12.79 17.80 14.02
C GLY A 134 11.86 17.22 12.97
N LEU A 135 11.34 16.01 13.21
CA LEU A 135 10.42 15.38 12.26
C LEU A 135 9.01 15.92 12.52
N ASP A 136 8.59 16.90 11.71
CA ASP A 136 7.43 17.73 12.02
C ASP A 136 6.22 17.56 11.11
N THR A 137 6.35 16.79 10.03
CA THR A 137 5.21 16.59 9.13
C THR A 137 5.06 15.11 8.85
N VAL A 138 3.82 14.70 8.53
CA VAL A 138 3.48 13.28 8.41
C VAL A 138 2.67 13.01 7.16
N PHE A 139 3.18 12.11 6.32
CA PHE A 139 2.47 11.65 5.14
C PHE A 139 2.05 10.20 5.38
N PHE A 140 0.74 9.95 5.49
CA PHE A 140 0.23 8.58 5.66
C PHE A 140 0.06 7.85 4.34
N SER A 141 0.47 6.59 4.31
CA SER A 141 0.20 5.72 3.18
C SER A 141 -0.23 4.35 3.69
N ASP A 142 -0.35 3.38 2.80
CA ASP A 142 -0.97 2.12 3.17
C ASP A 142 0.01 0.97 3.37
N SER A 143 1.28 1.18 3.02
CA SER A 143 2.30 0.13 3.19
C SER A 143 3.73 0.66 3.28
N GLY A 144 4.60 -0.16 3.85
CA GLY A 144 6.01 0.18 4.05
C GLY A 144 6.66 0.56 2.73
N SER A 145 6.48 -0.28 1.72
CA SER A 145 7.10 -0.03 0.43
C SER A 145 6.67 1.32 -0.15
N VAL A 146 5.39 1.64 -0.02
CA VAL A 146 4.89 2.94 -0.49
C VAL A 146 5.53 4.09 0.31
N SER A 147 5.67 3.91 1.62
CA SER A 147 6.29 4.94 2.44
C SER A 147 7.75 5.23 2.04
N VAL A 148 8.46 4.18 1.61
CA VAL A 148 9.83 4.32 1.11
C VAL A 148 9.87 5.12 -0.20
N GLU A 149 8.94 4.82 -1.12
CA GLU A 149 8.79 5.58 -2.36
C GLU A 149 8.49 7.06 -2.08
N VAL A 150 7.60 7.30 -1.11
CA VAL A 150 7.24 8.65 -0.64
C VAL A 150 8.49 9.38 -0.09
N ALA A 151 9.29 8.67 0.69
CA ALA A 151 10.54 9.24 1.22
C ALA A 151 11.49 9.64 0.09
N ALA A 152 11.66 8.77 -0.90
CA ALA A 152 12.50 9.07 -2.06
C ALA A 152 11.95 10.24 -2.87
N LYS A 153 10.63 10.30 -3.03
CA LYS A 153 9.98 11.42 -3.72
C LYS A 153 10.19 12.72 -2.97
N MET A 154 10.08 12.70 -1.65
CA MET A 154 10.36 13.88 -0.85
C MET A 154 11.78 14.37 -1.10
N ALA A 155 12.73 13.43 -1.11
CA ALA A 155 14.14 13.77 -1.29
C ALA A 155 14.40 14.37 -2.68
N LEU A 156 13.85 13.74 -3.72
N LEU A 156 13.84 13.74 -3.70
CA LEU A 156 14.01 14.25 -5.08
CA LEU A 156 13.97 14.21 -5.08
C LEU A 156 13.36 15.62 -5.27
C LEU A 156 13.36 15.60 -5.26
N GLN A 157 12.13 15.79 -4.81
CA GLN A 157 11.44 17.08 -4.93
C GLN A 157 12.11 18.17 -4.11
N TYR A 158 12.71 17.78 -2.99
CA TYR A 158 13.47 18.74 -2.17
C TYR A 158 14.62 19.36 -2.98
N TRP A 159 15.45 18.50 -3.56
CA TRP A 159 16.63 18.98 -4.31
C TRP A 159 16.21 19.74 -5.53
N ARG A 160 15.12 19.29 -6.14
CA ARG A 160 14.54 20.00 -7.28
C ARG A 160 14.06 21.40 -6.84
N GLY A 161 13.44 21.48 -5.66
CA GLY A 161 13.10 22.76 -5.05
C GLY A 161 14.28 23.65 -4.72
N ARG A 162 15.48 23.07 -4.64
CA ARG A 162 16.72 23.83 -4.41
C ARG A 162 17.45 24.12 -5.73
N GLY A 163 16.83 23.79 -6.85
CA GLY A 163 17.46 23.98 -8.17
C GLY A 163 18.63 23.06 -8.44
N LEU A 164 18.62 21.88 -7.82
CA LEU A 164 19.67 20.89 -7.98
C LEU A 164 19.11 19.52 -8.37
N PRO A 165 18.52 19.41 -9.59
CA PRO A 165 17.87 18.17 -10.02
C PRO A 165 18.85 17.05 -10.34
N GLY A 166 20.14 17.36 -10.42
CA GLY A 166 21.18 16.35 -10.55
C GLY A 166 21.24 15.42 -9.35
N LYS A 167 20.77 15.91 -8.20
CA LYS A 167 20.79 15.13 -6.98
C LYS A 167 19.58 14.19 -6.95
N ARG A 168 19.75 13.02 -7.59
CA ARG A 168 18.63 12.14 -7.89
C ARG A 168 18.90 10.67 -7.57
N ARG A 169 20.13 10.35 -7.20
CA ARG A 169 20.53 8.98 -6.87
C ARG A 169 20.48 8.75 -5.37
N LEU A 170 20.44 7.48 -4.97
CA LEU A 170 20.40 7.10 -3.57
C LEU A 170 21.62 6.26 -3.21
N MET A 171 22.10 6.39 -1.98
CA MET A 171 23.22 5.60 -1.49
C MET A 171 22.81 4.81 -0.25
N THR A 172 23.24 3.56 -0.19
CA THR A 172 23.01 2.74 0.99
C THR A 172 24.21 1.82 1.22
N TRP A 173 24.17 1.03 2.29
CA TRP A 173 25.13 -0.04 2.49
C TRP A 173 24.49 -1.36 2.14
N ARG A 174 25.32 -2.36 1.88
CA ARG A 174 24.80 -3.68 1.54
C ARG A 174 24.10 -4.35 2.72
N GLY A 175 23.31 -5.39 2.44
CA GLY A 175 22.60 -6.13 3.47
C GLY A 175 21.22 -5.59 3.81
N GLY A 176 20.77 -4.59 3.06
CA GLY A 176 19.53 -3.89 3.40
C GLY A 176 18.29 -4.44 2.73
N TYR A 177 17.14 -4.07 3.27
CA TYR A 177 15.84 -4.35 2.67
C TYR A 177 14.90 -3.17 2.91
N HIS A 178 14.20 -2.75 1.85
CA HIS A 178 13.35 -1.55 1.91
C HIS A 178 12.02 -1.71 1.23
N GLY A 179 11.69 -2.95 0.84
CA GLY A 179 10.38 -3.23 0.26
C GLY A 179 10.45 -3.73 -1.17
N ASP A 180 9.28 -3.94 -1.77
CA ASP A 180 9.16 -4.68 -3.02
C ASP A 180 8.73 -3.87 -4.25
N THR A 181 8.36 -2.61 -4.07
CA THR A 181 8.06 -1.77 -5.24
C THR A 181 9.40 -1.41 -5.93
N PHE A 182 9.37 -1.02 -7.20
CA PHE A 182 10.60 -0.93 -8.01
C PHE A 182 11.67 0.05 -7.52
N LEU A 183 11.30 1.21 -6.97
CA LEU A 183 12.30 2.11 -6.40
CA LEU A 183 12.31 2.10 -6.41
C LEU A 183 12.86 1.51 -5.10
N ALA A 184 11.97 1.01 -4.25
CA ALA A 184 12.39 0.33 -3.01
C ALA A 184 13.38 -0.80 -3.31
N MET A 185 13.09 -1.58 -4.36
CA MET A 185 13.96 -2.68 -4.75
C MET A 185 15.37 -2.21 -5.07
N SER A 186 15.50 -1.01 -5.63
CA SER A 186 16.79 -0.51 -6.10
C SER A 186 17.82 -0.27 -4.98
N ILE A 187 17.36 -0.20 -3.74
CA ILE A 187 18.25 -0.05 -2.58
C ILE A 187 18.29 -1.29 -1.67
N CYS A 188 17.59 -2.34 -2.09
CA CYS A 188 17.67 -3.63 -1.42
C CYS A 188 19.02 -4.28 -1.75
N ASP A 189 19.49 -5.16 -0.88
CA ASP A 189 20.76 -5.82 -1.10
C ASP A 189 20.73 -6.47 -2.49
N PRO A 190 21.72 -6.14 -3.34
CA PRO A 190 21.72 -6.64 -4.72
C PRO A 190 21.78 -8.17 -4.82
N HIS A 191 22.39 -8.82 -3.83
CA HIS A 191 22.43 -10.29 -3.82
C HIS A 191 21.14 -10.88 -3.29
N GLY A 192 20.66 -10.38 -2.15
CA GLY A 192 19.40 -10.84 -1.56
C GLY A 192 18.17 -10.59 -2.43
N GLY A 193 18.18 -9.49 -3.18
CA GLY A 193 17.04 -9.10 -4.03
C GLY A 193 17.14 -9.62 -5.45
N MET A 194 18.15 -10.46 -5.69
CA MET A 194 18.39 -11.08 -6.99
C MET A 194 18.33 -10.05 -8.11
N HIS A 195 18.99 -8.92 -7.90
CA HIS A 195 18.99 -7.79 -8.83
C HIS A 195 19.54 -8.18 -10.17
N SER A 196 20.31 -9.26 -10.17
CA SER A 196 20.91 -9.84 -11.38
C SER A 196 19.89 -10.21 -12.45
N LEU A 197 18.62 -10.38 -12.06
CA LEU A 197 17.56 -10.60 -13.05
C LEU A 197 16.65 -9.38 -13.23
N TRP A 198 17.06 -8.27 -12.61
CA TRP A 198 16.46 -6.97 -12.90
C TRP A 198 17.47 -6.08 -13.59
N THR A 199 18.19 -6.67 -14.54
CA THR A 199 19.19 -5.93 -15.33
C THR A 199 18.51 -4.90 -16.22
N ASP A 200 18.92 -3.64 -16.05
CA ASP A 200 18.46 -2.49 -16.83
C ASP A 200 17.18 -1.83 -16.34
N VAL A 201 16.30 -2.60 -15.72
CA VAL A 201 15.03 -2.03 -15.22
C VAL A 201 15.17 -1.26 -13.91
N LEU A 202 15.98 -1.77 -12.99
CA LEU A 202 16.20 -1.13 -11.69
C LEU A 202 17.13 0.08 -11.80
N ALA A 203 16.78 1.16 -11.10
CA ALA A 203 17.66 2.32 -10.96
C ALA A 203 18.98 1.87 -10.34
N ALA A 204 20.09 2.32 -10.91
CA ALA A 204 21.42 1.94 -10.45
C ALA A 204 21.84 2.86 -9.30
N GLN A 205 21.85 2.32 -8.08
CA GLN A 205 22.13 3.14 -6.90
C GLN A 205 23.56 2.90 -6.43
N VAL A 206 24.00 3.67 -5.44
CA VAL A 206 25.36 3.58 -4.92
C VAL A 206 25.38 2.71 -3.65
N PHE A 207 26.19 1.65 -3.67
CA PHE A 207 26.28 0.72 -2.52
C PHE A 207 27.63 0.72 -1.85
N ALA A 208 27.64 1.00 -0.55
CA ALA A 208 28.82 0.74 0.28
C ALA A 208 28.84 -0.73 0.73
N PRO A 209 30.02 -1.24 1.13
CA PRO A 209 30.10 -2.60 1.68
C PRO A 209 29.20 -2.80 2.89
N GLN A 210 28.92 -4.06 3.20
CA GLN A 210 28.16 -4.43 4.39
C GLN A 210 28.72 -3.71 5.62
N VAL A 211 27.84 -3.05 6.38
CA VAL A 211 28.26 -2.43 7.64
C VAL A 211 28.59 -3.51 8.67
N PRO A 212 29.77 -3.42 9.32
CA PRO A 212 30.19 -4.45 10.28
C PRO A 212 29.41 -4.36 11.59
N ARG A 213 29.44 -5.42 12.38
CA ARG A 213 28.80 -5.40 13.68
C ARG A 213 29.50 -4.42 14.63
N ASP A 214 30.81 -4.61 14.82
CA ASP A 214 31.58 -3.77 15.73
C ASP A 214 32.01 -2.48 15.06
N TYR A 215 32.15 -1.43 15.85
CA TYR A 215 32.51 -0.13 15.32
C TYR A 215 33.95 -0.09 14.82
N ASP A 216 34.09 0.30 13.56
CA ASP A 216 35.42 0.47 12.96
C ASP A 216 35.45 1.82 12.24
N PRO A 217 36.24 2.78 12.76
CA PRO A 217 36.38 4.08 12.12
C PRO A 217 36.78 4.00 10.63
N ALA A 218 37.56 2.97 10.27
CA ALA A 218 37.96 2.77 8.87
C ALA A 218 36.75 2.57 7.96
N TYR A 219 35.70 1.91 8.46
CA TYR A 219 34.51 1.69 7.62
C TYR A 219 33.84 3.02 7.27
N SER A 220 33.64 3.87 8.29
CA SER A 220 33.04 5.20 8.11
C SER A 220 33.86 6.09 7.18
N ALA A 221 35.19 6.04 7.33
CA ALA A 221 36.06 6.83 6.45
C ALA A 221 35.89 6.39 5.00
N ALA A 222 35.82 5.08 4.77
CA ALA A 222 35.60 4.56 3.41
C ALA A 222 34.19 4.90 2.88
N PHE A 223 33.20 4.86 3.77
CA PHE A 223 31.84 5.30 3.41
C PHE A 223 31.87 6.77 2.98
N GLU A 224 32.53 7.61 3.77
CA GLU A 224 32.71 9.03 3.42
C GLU A 224 33.43 9.22 2.07
N ALA A 225 34.52 8.48 1.87
CA ALA A 225 35.33 8.60 0.64
C ALA A 225 34.51 8.23 -0.61
N GLN A 226 33.66 7.22 -0.48
CA GLN A 226 32.77 6.83 -1.59
C GLN A 226 31.63 7.83 -1.81
N LEU A 227 31.02 8.29 -0.73
CA LEU A 227 29.96 9.30 -0.85
C LEU A 227 30.48 10.59 -1.50
N ALA A 228 31.72 10.94 -1.19
CA ALA A 228 32.38 12.14 -1.72
C ALA A 228 32.47 12.12 -3.24
N GLN A 229 32.70 10.95 -3.82
CA GLN A 229 32.77 10.78 -5.27
C GLN A 229 31.43 10.98 -5.97
N HIS A 230 30.35 10.92 -5.20
CA HIS A 230 28.99 10.94 -5.76
C HIS A 230 28.13 12.04 -5.22
N ALA A 231 28.68 12.91 -4.37
CA ALA A 231 27.81 13.84 -3.60
C ALA A 231 26.89 14.69 -4.48
N GLY A 232 27.42 15.15 -5.61
CA GLY A 232 26.68 16.00 -6.55
C GLY A 232 25.54 15.32 -7.27
N GLU A 233 25.50 13.98 -7.24
CA GLU A 233 24.40 13.23 -7.85
C GLU A 233 23.51 12.52 -6.83
N LEU A 234 23.79 12.70 -5.55
CA LEU A 234 23.07 11.99 -4.48
C LEU A 234 22.01 12.85 -3.82
N ALA A 235 20.76 12.37 -3.88
CA ALA A 235 19.66 12.97 -3.11
C ALA A 235 19.71 12.60 -1.63
N ALA A 236 20.01 11.32 -1.33
CA ALA A 236 19.88 10.81 0.03
C ALA A 236 20.67 9.55 0.30
N VAL A 237 21.07 9.39 1.56
CA VAL A 237 21.54 8.11 2.10
C VAL A 237 20.31 7.50 2.75
N VAL A 238 20.03 6.22 2.44
CA VAL A 238 18.90 5.50 3.03
C VAL A 238 19.39 4.22 3.67
N VAL A 239 19.16 4.07 4.97
CA VAL A 239 19.55 2.85 5.70
C VAL A 239 18.49 2.45 6.73
N GLU A 240 18.51 1.17 7.12
CA GLU A 240 17.82 0.69 8.33
C GLU A 240 18.75 0.95 9.52
N PRO A 241 18.28 1.69 10.54
CA PRO A 241 19.20 1.97 11.65
C PRO A 241 19.33 0.82 12.65
N VAL A 242 20.57 0.49 13.00
CA VAL A 242 20.95 -0.50 14.03
C VAL A 242 20.71 -1.97 13.65
N VAL A 243 19.52 -2.28 13.14
CA VAL A 243 19.15 -3.65 12.80
C VAL A 243 18.70 -3.68 11.34
N GLN A 244 19.34 -4.53 10.56
CA GLN A 244 18.90 -4.82 9.21
C GLN A 244 18.06 -6.08 9.30
N GLY A 245 16.77 -5.97 8.98
CA GLY A 245 15.83 -7.04 9.20
C GLY A 245 15.88 -8.14 8.15
N ALA A 246 15.10 -7.96 7.10
CA ALA A 246 14.88 -9.00 6.09
C ALA A 246 16.14 -9.35 5.30
N GLY A 247 17.11 -8.44 5.31
CA GLY A 247 18.39 -8.65 4.63
C GLY A 247 19.32 -9.63 5.33
N GLY A 248 19.01 -10.02 6.56
CA GLY A 248 19.85 -10.99 7.27
C GLY A 248 19.95 -10.84 8.78
N MET A 249 19.03 -10.09 9.37
CA MET A 249 18.95 -9.93 10.83
C MET A 249 20.31 -9.58 11.44
N ARG A 250 20.99 -8.63 10.82
CA ARG A 250 22.32 -8.20 11.23
C ARG A 250 22.22 -6.95 12.10
N PHE A 251 23.04 -6.86 13.12
CA PHE A 251 23.02 -5.70 14.01
C PHE A 251 24.30 -4.93 13.77
CA HIS A 252 25.53 -2.74 13.80
C HIS A 252 25.59 -1.73 14.92
N ASP A 253 26.82 -1.33 15.27
CA ASP A 253 27.03 -0.37 16.34
C ASP A 253 26.32 0.95 16.03
N PRO A 254 25.53 1.48 16.99
CA PRO A 254 24.82 2.74 16.73
C PRO A 254 25.75 3.92 16.37
N ARG A 255 27.02 3.85 16.75
CA ARG A 255 27.96 4.92 16.42
C ARG A 255 28.09 5.14 14.92
N TYR A 256 27.84 4.11 14.11
CA TYR A 256 27.81 4.30 12.66
C TYR A 256 26.78 5.34 12.22
N LEU A 257 25.66 5.43 12.94
CA LEU A 257 24.58 6.38 12.61
C LEU A 257 25.00 7.82 12.90
N HIS A 258 25.81 8.01 13.95
N HIS A 258 25.79 8.00 13.96
CA HIS A 258 26.41 9.30 14.24
CA HIS A 258 26.44 9.29 14.24
C HIS A 258 27.30 9.75 13.11
C HIS A 258 27.25 9.72 13.07
N ASP A 259 28.10 8.82 12.58
CA ASP A 259 28.98 9.11 11.45
C ASP A 259 28.17 9.45 10.20
N LEU A 260 27.11 8.67 9.92
CA LEU A 260 26.24 8.96 8.78
C LEU A 260 25.65 10.37 8.83
N ARG A 261 25.13 10.76 9.99
CA ARG A 261 24.55 12.09 10.18
C ARG A 261 25.57 13.21 9.93
N ASP A 262 26.79 13.01 10.43
CA ASP A 262 27.91 13.94 10.22
C ASP A 262 28.28 14.02 8.73
N ILE A 263 28.47 12.86 8.11
CA ILE A 263 28.81 12.82 6.68
C ILE A 263 27.74 13.51 5.84
N CYS A 264 26.48 13.17 6.09
CA CYS A 264 25.37 13.73 5.33
C CYS A 264 25.27 15.25 5.49
N ARG A 265 25.44 15.72 6.72
CA ARG A 265 25.44 17.16 7.01
C ARG A 265 26.55 17.90 6.25
N ARG A 266 27.76 17.35 6.27
CA ARG A 266 28.90 18.02 5.64
C ARG A 266 28.86 18.02 4.12
N TYR A 267 28.32 16.94 3.54
CA TYR A 267 28.23 16.82 2.09
C TYR A 267 26.91 17.23 1.48
N GLU A 268 25.98 17.69 2.33
CA GLU A 268 24.65 18.12 1.90
C GLU A 268 23.93 17.03 1.10
N VAL A 269 23.77 15.89 1.77
CA VAL A 269 22.98 14.78 1.26
C VAL A 269 21.97 14.52 2.37
N LEU A 270 20.71 14.29 2.02
CA LEU A 270 19.69 13.98 3.02
C LEU A 270 19.91 12.61 3.65
N LEU A 271 19.53 12.47 4.92
CA LEU A 271 19.58 11.17 5.60
C LEU A 271 18.17 10.65 5.84
N ILE A 272 17.91 9.44 5.33
CA ILE A 272 16.61 8.81 5.46
C ILE A 272 16.79 7.52 6.26
N PHE A 273 16.01 7.37 7.33
CA PHE A 273 16.01 6.15 8.11
C PHE A 273 14.75 5.35 7.85
N ASP A 274 14.94 4.11 7.41
CA ASP A 274 13.82 3.20 7.25
C ASP A 274 13.64 2.42 8.57
N GLU A 275 12.67 2.85 9.38
CA GLU A 275 12.35 2.20 10.65
C GLU A 275 11.06 1.39 10.58
N ILE A 276 10.74 0.88 9.39
CA ILE A 276 9.50 0.12 9.24
C ILE A 276 9.56 -1.18 10.06
N ALA A 277 10.74 -1.76 10.20
CA ALA A 277 10.88 -2.97 11.01
C ALA A 277 11.25 -2.59 12.44
CA THR A 278 12.80 -1.29 14.10
C THR A 278 11.91 -0.41 14.99
N GLY A 279 10.88 0.17 14.41
CA GLY A 279 10.04 1.14 15.12
C GLY A 279 9.29 0.58 16.32
N PHE A 280 8.86 1.49 17.20
CA PHE A 280 7.95 1.17 18.29
C PHE A 280 8.48 0.16 19.31
N GLY A 281 9.71 0.41 19.75
CA GLY A 281 10.31 -0.36 20.86
C GLY A 281 11.04 -1.65 20.53
N ARG A 282 10.95 -2.10 19.28
CA ARG A 282 11.45 -3.45 18.92
C ARG A 282 12.92 -3.71 19.27
N THR A 283 13.78 -2.71 19.08
CA THR A 283 15.22 -2.88 19.33
C THR A 283 15.65 -2.50 20.74
N GLY A 284 14.70 -2.16 21.62
CA GLY A 284 15.05 -1.75 22.99
C GLY A 284 15.01 -0.24 23.21
N ALA A 285 14.98 0.50 22.10
CA ALA A 285 14.68 1.93 22.14
C ALA A 285 13.37 2.13 21.40
N LEU A 286 12.70 3.27 21.63
CA LEU A 286 11.42 3.55 20.99
C LEU A 286 11.56 3.48 19.47
N PHE A 287 12.59 4.15 18.96
CA PHE A 287 13.00 4.01 17.57
C PHE A 287 14.50 3.72 17.57
N ALA A 288 14.97 2.92 16.61
CA ALA A 288 16.38 2.52 16.61
C ALA A 288 17.33 3.70 16.53
N ALA A 289 16.93 4.78 15.86
CA ALA A 289 17.73 6.03 15.80
C ALA A 289 18.10 6.56 17.19
N ASP A 290 17.19 6.33 18.15
CA ASP A 290 17.37 6.77 19.54
C ASP A 290 18.59 6.15 20.21
N HIS A 291 19.03 4.99 19.71
CA HIS A 291 20.25 4.34 20.22
C HIS A 291 21.47 5.21 19.96
N ALA A 292 21.38 6.10 18.98
CA ALA A 292 22.46 7.02 18.64
C ALA A 292 22.13 8.49 18.89
N GLY A 293 20.88 8.77 19.25
CA GLY A 293 20.39 10.15 19.44
C GLY A 293 20.35 10.96 18.16
N VAL A 294 20.24 10.25 17.04
CA VAL A 294 20.36 10.84 15.72
C VAL A 294 18.99 11.13 15.13
N SER A 295 18.82 12.33 14.56
CA SER A 295 17.62 12.67 13.78
C SER A 295 17.91 12.58 12.27
N PRO A 296 17.15 11.75 11.53
CA PRO A 296 17.27 11.78 10.08
C PRO A 296 16.42 12.95 9.53
N ASP A 297 16.60 13.28 8.24
CA ASP A 297 15.77 14.30 7.58
C ASP A 297 14.38 13.75 7.22
N ILE A 298 14.34 12.44 6.92
CA ILE A 298 13.12 11.75 6.53
C ILE A 298 13.13 10.38 7.23
N MET A 299 11.96 9.92 7.67
CA MET A 299 11.85 8.65 8.39
C MET A 299 10.59 7.90 7.96
N CYS A 300 10.69 6.58 7.80
CA CYS A 300 9.55 5.73 7.45
C CYS A 300 9.24 4.78 8.60
N VAL A 301 7.95 4.60 8.88
CA VAL A 301 7.47 3.62 9.88
C VAL A 301 6.31 2.82 9.28
N GLY A 302 6.09 1.59 9.78
CA GLY A 302 4.96 0.82 9.24
C GLY A 302 4.48 -0.45 9.94
N LYS A 303 5.35 -1.45 10.04
CA LYS A 303 4.88 -2.80 10.42
C LYS A 303 4.05 -2.81 11.70
N ALA A 304 4.62 -2.34 12.80
CA ALA A 304 3.96 -2.40 14.10
C ALA A 304 3.13 -1.16 14.40
N LEU A 305 2.98 -0.28 13.40
CA LEU A 305 2.26 0.99 13.61
C LEU A 305 0.82 0.81 14.10
N THR A 306 0.08 -0.15 13.52
CA THR A 306 -1.30 -0.41 13.96
C THR A 306 -1.39 -1.58 14.95
N GLY A 307 -0.25 -1.99 15.50
CA GLY A 307 -0.23 -3.18 16.36
C GLY A 307 -0.58 -4.45 15.60
N GLY A 308 -0.37 -4.44 14.28
CA GLY A 308 -0.59 -5.63 13.45
C GLY A 308 -2.04 -5.93 13.10
N TYR A 309 -2.90 -4.92 13.15
CA TYR A 309 -4.30 -5.08 12.81
C TYR A 309 -4.58 -4.81 11.34
N LEU A 310 -4.03 -3.70 10.86
CA LEU A 310 -4.37 -3.15 9.54
C LEU A 310 -3.13 -2.56 8.89
N SER A 311 -3.10 -2.60 7.57
CA SER A 311 -2.00 -1.99 6.82
CA SER A 311 -1.99 -1.99 6.85
C SER A 311 -2.05 -0.48 7.00
N LEU A 312 -0.92 0.11 7.40
CA LEU A 312 -0.75 1.55 7.52
C LEU A 312 0.73 1.83 7.61
N ALA A 313 1.17 2.94 7.01
CA ALA A 313 2.57 3.35 7.07
C ALA A 313 2.61 4.86 7.13
N ALA A 314 3.77 5.40 7.51
CA ALA A 314 3.92 6.85 7.56
C ALA A 314 5.31 7.26 7.15
N THR A 315 5.41 8.40 6.48
CA THR A 315 6.68 8.98 6.14
C THR A 315 6.71 10.36 6.77
N LEU A 316 7.72 10.62 7.60
CA LEU A 316 7.85 11.91 8.26
C LEU A 316 9.02 12.67 7.70
N CYS A 317 8.90 13.99 7.63
CA CYS A 317 10.04 14.82 7.23
C CYS A 317 10.08 16.13 8.00
N THR A 318 11.22 16.78 7.94
CA THR A 318 11.46 18.02 8.66
C THR A 318 10.63 19.15 8.03
N ALA A 319 10.43 20.21 8.82
CA ALA A 319 9.80 21.43 8.31
C ALA A 319 10.55 22.00 7.10
N ASP A 320 11.88 22.02 7.19
CA ASP A 320 12.73 22.49 6.08
C ASP A 320 12.44 21.73 4.79
N VAL A 321 12.41 20.39 4.86
CA VAL A 321 12.12 19.58 3.69
C VAL A 321 10.72 19.88 3.14
N ALA A 322 9.74 19.95 4.03
CA ALA A 322 8.35 20.23 3.64
C ALA A 322 8.19 21.61 2.99
N HIS A 323 8.82 22.63 3.56
CA HIS A 323 8.72 23.99 3.03
C HIS A 323 9.41 24.13 1.70
N THR A 324 10.56 23.48 1.54
CA THR A 324 11.31 23.52 0.28
C THR A 324 10.52 22.83 -0.84
N ILE A 325 9.93 21.69 -0.54
CA ILE A 325 9.04 21.00 -1.48
C ILE A 325 7.84 21.90 -1.85
N SER A 326 7.21 22.48 -0.83
CA SER A 326 5.99 23.28 -1.03
C SER A 326 6.25 24.57 -1.81
N ALA A 327 7.48 25.07 -1.73
CA ALA A 327 7.91 26.27 -2.47
C ALA A 327 8.50 25.94 -3.85
N GLY A 328 8.58 24.64 -4.17
CA GLY A 328 9.14 24.20 -5.45
C GLY A 328 8.17 24.36 -6.61
N ALA A 329 8.63 24.01 -7.81
CA ALA A 329 7.87 24.15 -9.06
C ALA A 329 6.47 23.51 -9.02
N ALA A 330 6.38 22.38 -8.33
CA ALA A 330 5.13 21.66 -8.21
C ALA A 330 4.20 22.27 -7.17
N GLY A 331 4.76 22.96 -6.19
CA GLY A 331 3.98 23.54 -5.11
C GLY A 331 3.33 22.53 -4.18
N ALA A 332 3.77 21.28 -4.28
CA ALA A 332 3.16 20.18 -3.54
C ALA A 332 3.98 18.90 -3.69
N LEU A 333 3.82 17.99 -2.73
CA LEU A 333 4.38 16.65 -2.84
C LEU A 333 3.45 15.86 -3.74
N MET A 334 3.99 15.35 -4.83
CA MET A 334 3.19 14.73 -5.88
CA MET A 334 3.20 14.72 -5.88
C MET A 334 2.85 13.26 -5.58
N HIS A 335 2.03 13.05 -4.53
CA HIS A 335 1.65 11.71 -4.06
C HIS A 335 0.38 11.80 -3.25
N GLY A 336 -0.46 10.77 -3.35
CA GLY A 336 -1.73 10.75 -2.60
C GLY A 336 -2.48 9.45 -2.79
N PRO A 337 -2.23 8.46 -1.91
CA PRO A 337 -2.95 7.17 -2.01
C PRO A 337 -4.44 7.28 -1.70
N THR A 338 -5.25 6.42 -2.33
CA THR A 338 -6.71 6.37 -2.13
C THR A 338 -7.14 6.39 -0.67
N PHE A 339 -6.52 5.52 0.12
CA PHE A 339 -6.94 5.33 1.50
C PHE A 339 -6.07 6.12 2.48
N MET A 340 -5.48 7.20 1.96
CA MET A 340 -4.58 8.04 2.74
C MET A 340 -5.23 8.39 4.06
N ALA A 341 -4.51 8.15 5.15
CA ALA A 341 -4.98 8.48 6.50
C ALA A 341 -6.32 7.85 6.88
N ASN A 342 -6.58 6.64 6.39
CA ASN A 342 -7.81 5.90 6.72
C ASN A 342 -8.17 5.98 8.22
N PRO A 343 -9.37 6.50 8.55
CA PRO A 343 -9.77 6.67 9.95
C PRO A 343 -9.69 5.40 10.79
N LEU A 344 -10.12 4.25 10.24
CA LEU A 344 -10.03 2.98 10.98
C LEU A 344 -8.59 2.62 11.36
N ALA A 345 -7.70 2.62 10.37
CA ALA A 345 -6.28 2.30 10.62
C ALA A 345 -5.64 3.33 11.55
N CYS A 346 -5.96 4.61 11.37
CA CYS A 346 -5.39 5.66 12.22
C CYS A 346 -5.85 5.52 13.67
N ALA A 347 -7.14 5.19 13.86
CA ALA A 347 -7.72 5.00 15.20
C ALA A 347 -7.04 3.85 15.96
N VAL A 348 -6.86 2.71 15.30
CA VAL A 348 -6.21 1.58 15.96
CA VAL A 348 -6.20 1.56 15.92
C VAL A 348 -4.74 1.89 16.27
N SER A 349 -4.07 2.61 15.37
CA SER A 349 -2.68 3.03 15.58
CA SER A 349 -2.68 3.03 15.57
C SER A 349 -2.56 3.96 16.78
N VAL A 350 -3.47 4.92 16.86
CA VAL A 350 -3.53 5.83 18.01
C VAL A 350 -3.56 4.97 19.29
N ALA A 351 -4.47 4.00 19.32
CA ALA A 351 -4.63 3.12 20.48
C ALA A 351 -3.38 2.30 20.77
N SER A 352 -2.74 1.76 19.72
CA SER A 352 -1.53 0.94 19.88
C SER A 352 -0.35 1.74 20.40
N VAL A 353 -0.16 2.94 19.85
CA VAL A 353 0.92 3.81 20.29
C VAL A 353 0.72 4.27 21.75
N GLU A 354 -0.52 4.64 22.10
CA GLU A 354 -0.85 5.06 23.47
C GLU A 354 -0.71 3.89 24.46
N LEU A 355 -1.09 2.71 24.03
CA LEU A 355 -0.91 1.51 24.84
C LEU A 355 0.57 1.24 25.15
N LEU A 356 1.42 1.42 24.14
CA LEU A 356 2.86 1.24 24.34
C LEU A 356 3.43 2.29 25.29
N LEU A 357 3.06 3.55 25.05
CA LEU A 357 3.59 4.67 25.84
C LEU A 357 3.02 4.72 27.26
N GLY A 358 1.82 4.16 27.44
CA GLY A 358 1.14 4.15 28.74
C GLY A 358 1.66 3.09 29.70
N GLN A 359 2.61 2.28 29.24
CA GLN A 359 3.24 1.27 30.10
C GLN A 359 4.76 1.48 30.16
N ASP A 360 5.43 0.79 31.07
CA ASP A 360 6.88 0.82 31.11
C ASP A 360 7.43 -0.16 30.06
N TRP A 361 7.37 0.26 28.80
CA TRP A 361 7.76 -0.60 27.68
C TRP A 361 9.24 -0.90 27.68
N ARG A 362 10.05 0.04 28.18
CA ARG A 362 11.50 -0.15 28.17
C ARG A 362 11.93 -1.31 29.06
N THR A 363 11.34 -1.38 30.25
CA THR A 363 11.57 -2.49 31.17
C THR A 363 11.05 -3.79 30.59
N ARG A 364 9.88 -3.73 29.94
CA ARG A 364 9.30 -4.90 29.30
C ARG A 364 10.24 -5.48 28.24
N ILE A 365 10.79 -4.61 27.38
CA ILE A 365 11.68 -5.06 26.29
C ILE A 365 13.01 -5.58 26.85
N THR A 366 13.53 -4.90 27.87
CA THR A 366 14.74 -5.36 28.56
C THR A 366 14.55 -6.78 29.13
N GLU A 367 13.39 -7.03 29.72
CA GLU A 367 13.06 -8.35 30.26
C GLU A 367 12.93 -9.41 29.18
N LEU A 368 12.31 -9.04 28.06
CA LEU A 368 12.19 -9.94 26.91
C LEU A 368 13.57 -10.28 26.35
N ALA A 369 14.41 -9.24 26.22
CA ALA A 369 15.79 -9.41 25.72
C ALA A 369 16.60 -10.33 26.66
N ALA A 370 16.39 -10.16 27.97
CA ALA A 370 17.05 -11.02 28.96
C ALA A 370 16.64 -12.48 28.78
N GLY A 371 15.35 -12.69 28.52
CA GLY A 371 14.78 -14.03 28.31
C GLY A 371 15.31 -14.70 27.06
N LEU A 372 15.39 -13.94 25.97
CA LEU A 372 15.97 -14.43 24.71
C LEU A 372 17.44 -14.80 24.88
N THR A 373 18.21 -13.90 25.50
CA THR A 373 19.63 -14.15 25.76
C THR A 373 19.87 -15.41 26.60
N ALA A 374 19.15 -15.53 27.72
CA ALA A 374 19.31 -16.69 28.61
C ALA A 374 18.91 -17.98 27.90
N GLY A 375 17.78 -17.94 27.18
CA GLY A 375 17.25 -19.12 26.51
C GLY A 375 18.03 -19.57 25.29
N LEU A 376 18.74 -18.65 24.64
CA LEU A 376 19.45 -18.99 23.41
C LEU A 376 20.93 -19.33 23.62
N ASP A 377 21.44 -19.11 24.84
CA ASP A 377 22.86 -19.33 25.10
C ASP A 377 23.30 -20.75 24.79
N THR A 378 22.46 -21.74 25.13
CA THR A 378 22.80 -23.14 24.90
C THR A 378 23.04 -23.50 23.43
N ALA A 379 22.41 -22.74 22.51
CA ALA A 379 22.59 -22.96 21.09
C ALA A 379 24.03 -22.69 20.61
N ARG A 380 24.77 -21.85 21.31
CA ARG A 380 26.17 -21.55 20.95
C ARG A 380 27.04 -22.80 20.86
N ALA A 381 26.70 -23.80 21.66
CA ALA A 381 27.48 -25.03 21.73
C ALA A 381 27.12 -26.03 20.63
N LEU A 382 25.98 -25.81 19.95
CA LEU A 382 25.50 -26.73 18.91
C LEU A 382 26.39 -26.73 17.65
N PRO A 383 26.61 -27.92 17.05
CA PRO A 383 27.55 -28.07 15.93
C PRO A 383 27.25 -27.17 14.72
N ALA A 384 25.98 -26.98 14.38
CA ALA A 384 25.62 -26.20 13.19
C ALA A 384 25.41 -24.71 13.47
N VAL A 385 25.73 -24.25 14.68
CA VAL A 385 25.50 -22.85 15.03
C VAL A 385 26.76 -22.00 14.93
N THR A 386 26.69 -20.93 14.15
CA THR A 386 27.83 -20.03 13.92
C THR A 386 27.76 -18.75 14.77
N ASP A 387 26.55 -18.35 15.15
CA ASP A 387 26.38 -17.14 15.98
C ASP A 387 25.04 -17.15 16.70
N VAL A 388 25.01 -16.54 17.87
CA VAL A 388 23.77 -16.29 18.59
C VAL A 388 23.77 -14.81 18.97
N ARG A 389 22.73 -14.10 18.59
CA ARG A 389 22.68 -12.67 18.86
C ARG A 389 21.29 -12.15 19.21
N VAL A 390 21.26 -11.16 20.09
CA VAL A 390 20.02 -10.61 20.60
C VAL A 390 20.13 -9.08 20.63
N CYS A 391 19.07 -8.40 20.24
CA CYS A 391 19.00 -6.96 20.33
C CYS A 391 17.56 -6.58 20.60
N GLY A 392 17.29 -6.17 21.85
CA GLY A 392 15.90 -5.94 22.29
C GLY A 392 15.06 -7.20 22.13
N ALA A 393 13.86 -7.04 21.58
CA ALA A 393 12.95 -8.18 21.41
C ALA A 393 13.16 -8.86 20.04
N ILE A 394 14.44 -9.10 19.72
CA ILE A 394 14.88 -9.80 18.52
C ILE A 394 15.93 -10.83 18.96
N GLY A 395 15.70 -12.09 18.62
CA GLY A 395 16.65 -13.16 18.95
C GLY A 395 16.98 -13.97 17.72
N VAL A 396 18.28 -14.19 17.49
CA VAL A 396 18.76 -14.87 16.28
C VAL A 396 19.74 -16.01 16.55
N ILE A 397 19.46 -17.18 15.97
CA ILE A 397 20.45 -18.23 15.85
C ILE A 397 20.87 -18.31 14.38
N GLU A 398 22.13 -18.01 14.11
CA GLU A 398 22.70 -18.12 12.76
C GLU A 398 23.35 -19.50 12.59
N CYS A 399 22.92 -20.23 11.56
CA CYS A 399 23.40 -21.58 11.32
C CYS A 399 24.40 -21.66 10.18
N ASP A 400 25.12 -22.78 10.10
CA ASP A 400 26.18 -22.97 9.09
C ASP A 400 25.64 -23.46 7.74
N ARG A 401 24.33 -23.61 7.65
CA ARG A 401 23.67 -24.04 6.41
C ARG A 401 22.26 -23.43 6.32
N PRO A 402 21.67 -23.35 5.10
CA PRO A 402 20.29 -22.90 4.99
C PRO A 402 19.34 -23.83 5.74
N VAL A 403 18.34 -23.26 6.40
CA VAL A 403 17.43 -24.06 7.21
C VAL A 403 16.29 -24.59 6.34
N ASP A 404 16.09 -25.91 6.37
CA ASP A 404 15.03 -26.55 5.60
C ASP A 404 13.69 -26.38 6.31
N LEU A 405 12.77 -25.64 5.68
CA LEU A 405 11.45 -25.37 6.26
C LEU A 405 10.59 -26.62 6.44
N ALA A 406 10.79 -27.61 5.58
CA ALA A 406 10.06 -28.88 5.68
C ALA A 406 10.36 -29.62 6.99
N VAL A 407 11.54 -29.36 7.56
CA VAL A 407 11.93 -29.93 8.85
C VAL A 407 11.61 -28.95 10.00
N ALA A 408 12.07 -27.71 9.86
CA ALA A 408 11.93 -26.67 10.89
C ALA A 408 10.50 -26.37 11.32
N THR A 409 9.60 -26.22 10.36
CA THR A 409 8.20 -25.86 10.64
C THR A 409 7.49 -26.88 11.54
N PRO A 410 7.41 -28.16 11.11
CA PRO A 410 6.80 -29.18 11.97
C PRO A 410 7.53 -29.34 13.30
N ALA A 411 8.85 -29.24 13.29
CA ALA A 411 9.65 -29.37 14.51
C ALA A 411 9.26 -28.32 15.54
N ALA A 412 9.11 -27.08 15.10
CA ALA A 412 8.69 -26.00 15.99
C ALA A 412 7.24 -26.18 16.42
N LEU A 413 6.37 -26.58 15.50
CA LEU A 413 4.97 -26.79 15.82
C LEU A 413 4.77 -27.89 16.87
N ASP A 414 5.60 -28.94 16.76
CA ASP A 414 5.62 -30.05 17.75
C ASP A 414 5.99 -29.54 19.14
N ARG A 415 6.62 -28.37 19.20
CA ARG A 415 7.05 -27.76 20.47
C ARG A 415 6.16 -26.58 20.86
N GLY A 416 5.04 -26.43 20.15
CA GLY A 416 4.01 -25.44 20.49
C GLY A 416 4.33 -24.00 20.08
N VAL A 417 5.13 -23.85 19.03
CA VAL A 417 5.63 -22.55 18.60
C VAL A 417 5.58 -22.43 17.07
N TRP A 418 5.07 -21.30 16.59
CA TRP A 418 5.15 -20.94 15.18
C TRP A 418 6.44 -20.18 14.91
N LEU A 419 7.35 -20.82 14.19
CA LEU A 419 8.60 -20.18 13.77
C LEU A 419 8.68 -20.26 12.26
N ARG A 420 9.25 -19.24 11.64
CA ARG A 420 9.53 -19.29 10.21
C ARG A 420 10.95 -18.81 9.94
N PRO A 421 11.91 -19.74 9.88
CA PRO A 421 13.27 -19.37 9.51
C PRO A 421 13.32 -18.82 8.09
N PHE A 422 14.37 -18.10 7.76
CA PHE A 422 14.67 -17.82 6.37
C PHE A 422 16.18 -17.88 6.20
N ARG A 423 16.61 -18.25 4.99
CA ARG A 423 18.02 -18.51 4.72
C ARG A 423 18.60 -19.42 5.81
N ASN A 424 19.72 -19.02 6.41
CA ASN A 424 20.37 -19.79 7.48
C ASN A 424 20.02 -19.32 8.90
N LEU A 425 18.88 -18.64 9.07
CA LEU A 425 18.54 -17.99 10.35
C LEU A 425 17.29 -18.53 11.03
N VAL A 426 17.44 -18.97 12.27
CA VAL A 426 16.32 -19.36 13.12
C VAL A 426 16.16 -18.19 14.07
N TYR A 427 15.06 -17.45 13.97
CA TYR A 427 14.95 -16.19 14.69
C TYR A 427 13.54 -15.97 15.21
N ALA A 428 13.41 -15.05 16.16
CA ALA A 428 12.11 -14.69 16.69
C ALA A 428 12.05 -13.18 16.97
N MET A 429 10.86 -12.64 16.82
N MET A 429 10.86 -12.63 16.78
CA MET A 429 10.54 -11.28 17.24
CA MET A 429 10.52 -11.28 17.22
C MET A 429 9.19 -11.35 17.92
C MET A 429 9.17 -11.39 17.91
N PRO A 430 9.17 -11.82 19.19
CA PRO A 430 7.94 -12.15 19.91
C PRO A 430 7.12 -10.93 20.30
N PRO A 431 5.80 -11.10 20.52
CA PRO A 431 4.97 -10.01 21.01
C PRO A 431 5.47 -9.54 22.37
N TYR A 432 5.25 -8.26 22.68
CA TYR A 432 5.79 -7.69 23.91
C TYR A 432 5.05 -8.22 25.13
N ILE A 433 3.88 -8.80 24.90
CA ILE A 433 3.05 -9.34 25.97
C ILE A 433 3.42 -10.76 26.43
N CYS A 434 4.43 -11.35 25.78
CA CYS A 434 4.87 -12.72 26.10
C CYS A 434 5.43 -12.75 27.52
N THR A 435 4.95 -13.70 28.30
CA THR A 435 5.43 -13.89 29.67
C THR A 435 6.85 -14.49 29.66
N PRO A 436 7.56 -14.42 30.80
CA PRO A 436 8.86 -15.11 30.84
C PRO A 436 8.77 -16.58 30.46
N ALA A 437 7.73 -17.29 30.90
CA ALA A 437 7.59 -18.71 30.54
C ALA A 437 7.42 -18.91 29.03
N GLU A 438 6.63 -18.04 28.39
CA GLU A 438 6.38 -18.14 26.95
C GLU A 438 7.64 -17.85 26.14
N ILE A 439 8.46 -16.91 26.59
CA ILE A 439 9.76 -16.65 25.96
C ILE A 439 10.66 -17.88 26.02
N THR A 440 10.72 -18.51 27.19
CA THR A 440 11.51 -19.73 27.34
C THR A 440 10.99 -20.88 26.43
N GLN A 441 9.67 -20.98 26.26
CA GLN A 441 9.09 -21.96 25.33
C GLN A 441 9.55 -21.67 23.88
N ILE A 442 9.55 -20.39 23.52
CA ILE A 442 10.01 -19.94 22.20
C ILE A 442 11.49 -20.28 21.97
N THR A 443 12.35 -19.90 22.91
CA THR A 443 13.78 -20.16 22.76
C THR A 443 14.09 -21.65 22.75
N SER A 444 13.35 -22.43 23.55
CA SER A 444 13.49 -23.89 23.57
CA SER A 444 13.49 -23.90 23.56
C SER A 444 13.22 -24.49 22.18
N ALA A 445 12.14 -24.06 21.55
CA ALA A 445 11.81 -24.51 20.19
C ALA A 445 12.88 -24.11 19.18
N MET A 446 13.39 -22.88 19.30
CA MET A 446 14.46 -22.38 18.44
C MET A 446 15.72 -23.25 18.56
N VAL A 447 16.08 -23.57 19.80
CA VAL A 447 17.23 -24.45 20.06
C VAL A 447 17.02 -25.82 19.42
N GLU A 448 15.82 -26.38 19.56
CA GLU A 448 15.51 -27.71 18.99
C GLU A 448 15.51 -27.72 17.46
N VAL A 449 15.09 -26.62 16.85
CA VAL A 449 15.19 -26.48 15.40
C VAL A 449 16.66 -26.43 14.99
N ALA A 450 17.46 -25.64 15.71
CA ALA A 450 18.88 -25.55 15.42
C ALA A 450 19.60 -26.89 15.63
N ARG A 451 19.15 -27.68 16.62
CA ARG A 451 19.72 -29.00 16.85
C ARG A 451 19.43 -29.93 15.66
N LEU A 452 18.21 -29.87 15.15
CA LEU A 452 17.81 -30.67 13.99
C LEU A 452 18.55 -30.30 12.70
N VAL A 453 18.89 -29.02 12.56
CA VAL A 453 19.62 -28.55 11.38
C VAL A 453 20.98 -29.24 11.30
N GLY A 454 21.64 -29.39 12.44
CA GLY A 454 22.90 -30.14 12.52
C GLY A 454 22.75 -31.65 12.47
N SER A 455 21.51 -32.14 12.41
CA SER A 455 21.21 -33.58 12.45
C SER A 455 21.00 -34.21 11.08
N LEU A 456 20.99 -33.39 10.03
CA LEU A 456 20.76 -33.84 8.64
C LEU A 456 21.17 -35.29 8.39
N LEU B 28 -9.97 15.87 20.44
CA LEU B 28 -9.71 17.19 19.81
C LEU B 28 -10.98 17.80 19.21
N THR B 29 -11.14 19.10 19.40
CA THR B 29 -12.23 19.88 18.79
C THR B 29 -11.90 20.13 17.32
N PRO B 30 -12.92 20.45 16.50
CA PRO B 30 -12.64 20.78 15.09
C PRO B 30 -11.59 21.89 14.93
N GLU B 31 -11.59 22.88 15.81
CA GLU B 31 -10.57 23.94 15.76
C GLU B 31 -9.16 23.40 16.02
N GLN B 32 -9.02 22.53 17.03
CA GLN B 32 -7.73 21.90 17.32
C GLN B 32 -7.30 20.96 16.19
N ILE B 33 -8.26 20.26 15.59
CA ILE B 33 -7.98 19.40 14.44
C ILE B 33 -7.39 20.23 13.29
N ILE B 34 -8.02 21.35 12.97
CA ILE B 34 -7.52 22.26 11.94
C ILE B 34 -6.09 22.75 12.24
N ALA B 35 -5.85 23.10 13.52
CA ALA B 35 -4.52 23.56 13.97
C ALA B 35 -3.43 22.49 13.79
N VAL B 36 -3.70 21.28 14.28
CA VAL B 36 -2.76 20.17 14.14
C VAL B 36 -2.52 19.87 12.67
N ASP B 37 -3.61 19.78 11.90
CA ASP B 37 -3.57 19.45 10.48
C ASP B 37 -2.72 20.43 9.67
N GLY B 38 -2.90 21.73 9.92
CA GLY B 38 -2.14 22.76 9.20
C GLY B 38 -0.65 22.68 9.44
N ALA B 39 -0.28 22.35 10.69
CA ALA B 39 1.12 22.22 11.07
C ALA B 39 1.78 20.89 10.67
N HIS B 40 1.01 19.79 10.68
CA HIS B 40 1.64 18.46 10.65
C HIS B 40 1.18 17.47 9.61
N LEU B 41 0.11 17.74 8.87
CA LEU B 41 -0.44 16.71 7.95
C LEU B 41 -0.33 17.04 6.49
N TRP B 42 0.32 16.15 5.74
CA TRP B 42 0.26 16.18 4.27
C TRP B 42 -1.07 15.66 3.83
N HIS B 43 -1.60 16.23 2.75
CA HIS B 43 -2.79 15.68 2.11
C HIS B 43 -2.44 15.26 0.70
N PRO B 44 -3.37 14.61 -0.02
CA PRO B 44 -3.00 14.12 -1.36
C PRO B 44 -2.59 15.28 -2.26
N TYR B 45 -1.41 15.19 -2.88
CA TYR B 45 -0.92 16.21 -3.82
C TYR B 45 -1.03 17.64 -3.25
N SER B 46 -0.62 17.80 -1.99
CA SER B 46 -0.79 19.04 -1.24
C SER B 46 0.55 19.61 -0.82
N SER B 47 0.51 20.83 -0.30
CA SER B 47 1.67 21.45 0.30
C SER B 47 1.54 21.37 1.82
N ILE B 48 2.61 21.76 2.51
CA ILE B 48 2.52 22.14 3.92
C ILE B 48 2.68 23.66 3.98
N GLY B 49 1.68 24.33 4.54
CA GLY B 49 1.76 25.76 4.81
C GLY B 49 1.37 26.70 3.68
N ARG B 50 1.02 26.14 2.52
CA ARG B 50 0.65 26.95 1.36
C ARG B 50 -0.69 26.55 0.75
N GLU B 51 -1.56 25.96 1.56
CA GLU B 51 -2.88 25.54 1.08
C GLU B 51 -3.80 26.75 0.90
N ALA B 52 -4.40 26.87 -0.28
CA ALA B 52 -5.31 27.98 -0.60
C ALA B 52 -6.54 27.95 0.29
N VAL B 53 -7.09 26.76 0.51
CA VAL B 53 -8.25 26.57 1.37
C VAL B 53 -7.96 25.47 2.38
N SER B 54 -8.29 25.72 3.65
CA SER B 54 -8.20 24.70 4.69
C SER B 54 -9.08 23.51 4.32
N PRO B 55 -8.66 22.28 4.68
CA PRO B 55 -9.56 21.15 4.55
C PRO B 55 -10.72 21.29 5.52
N VAL B 56 -11.84 20.66 5.20
CA VAL B 56 -13.04 20.70 6.05
C VAL B 56 -12.99 19.51 7.00
N VAL B 57 -13.27 19.74 8.28
CA VAL B 57 -13.30 18.65 9.27
C VAL B 57 -14.51 17.73 9.06
N ALA B 58 -14.24 16.45 8.86
CA ALA B 58 -15.27 15.41 8.82
C ALA B 58 -15.36 14.76 10.19
N VAL B 59 -16.59 14.63 10.71
CA VAL B 59 -16.79 14.10 12.07
C VAL B 59 -17.62 12.80 12.13
N ALA B 60 -18.34 12.51 11.07
CA ALA B 60 -19.05 11.24 10.95
C ALA B 60 -19.35 10.90 9.49
N ALA B 61 -19.67 9.64 9.23
CA ALA B 61 -20.15 9.21 7.92
C ALA B 61 -21.13 8.06 8.08
N HIS B 62 -22.30 8.19 7.47
CA HIS B 62 -23.34 7.17 7.54
C HIS B 62 -24.10 7.13 6.24
N GLY B 63 -24.20 5.94 5.66
CA GLY B 63 -24.89 5.77 4.38
C GLY B 63 -24.27 6.66 3.32
N ALA B 64 -25.12 7.39 2.60
CA ALA B 64 -24.63 8.29 1.55
C ALA B 64 -24.14 9.66 2.07
N TRP B 65 -24.16 9.86 3.39
CA TRP B 65 -23.98 11.19 3.99
C TRP B 65 -22.76 11.34 4.87
N LEU B 66 -22.07 12.47 4.71
CA LEU B 66 -20.98 12.86 5.60
C LEU B 66 -21.46 13.95 6.52
N THR B 67 -20.93 13.97 7.75
CA THR B 67 -21.16 15.07 8.67
C THR B 67 -19.88 15.89 8.71
N LEU B 68 -19.96 17.13 8.21
CA LEU B 68 -18.82 18.02 8.09
C LEU B 68 -19.05 19.27 8.94
N ILE B 69 -17.96 19.91 9.35
CA ILE B 69 -18.06 21.12 10.15
C ILE B 69 -17.96 22.35 9.23
N ARG B 70 -18.98 23.20 9.30
CA ARG B 70 -19.01 24.45 8.56
C ARG B 70 -19.48 25.54 9.52
N ASP B 71 -18.67 26.60 9.62
CA ASP B 71 -18.93 27.71 10.57
C ASP B 71 -19.04 27.19 12.02
N GLY B 72 -18.27 26.15 12.32
CA GLY B 72 -18.25 25.56 13.65
C GLY B 72 -19.38 24.60 13.97
N GLN B 73 -20.27 24.36 13.01
CA GLN B 73 -21.43 23.51 13.26
C GLN B 73 -21.49 22.30 12.33
N PRO B 74 -21.98 21.16 12.85
CA PRO B 74 -22.03 19.96 12.01
C PRO B 74 -23.21 19.99 11.03
N ILE B 75 -22.91 19.72 9.75
CA ILE B 75 -23.94 19.66 8.71
C ILE B 75 -23.83 18.32 7.99
N GLU B 76 -24.97 17.78 7.56
CA GLU B 76 -24.99 16.52 6.82
C GLU B 76 -25.05 16.78 5.32
N VAL B 77 -24.05 16.27 4.60
CA VAL B 77 -23.99 16.45 3.13
C VAL B 77 -23.80 15.14 2.40
N LEU B 78 -24.27 15.08 1.16
CA LEU B 78 -24.11 13.88 0.35
C LEU B 78 -22.66 13.69 -0.13
N ASP B 79 -22.17 12.47 0.03
CA ASP B 79 -20.84 12.09 -0.45
C ASP B 79 -20.93 11.74 -1.95
N ALA B 80 -20.96 12.77 -2.78
CA ALA B 80 -21.18 12.62 -4.23
C ALA B 80 -20.01 11.93 -4.92
N MET B 81 -18.87 11.89 -4.24
CA MET B 81 -17.62 11.34 -4.77
C MET B 81 -17.40 9.89 -4.33
N SER B 82 -18.32 9.35 -3.53
CA SER B 82 -18.10 8.06 -2.85
C SER B 82 -16.72 8.02 -2.15
N SER B 83 -16.31 9.14 -1.56
CA SER B 83 -15.01 9.22 -0.90
C SER B 83 -13.90 8.67 -1.81
N TRP B 84 -13.76 9.30 -2.99
CA TRP B 84 -12.77 8.91 -4.00
C TRP B 84 -12.97 7.49 -4.50
N TRP B 85 -14.21 7.23 -4.96
CA TRP B 85 -14.63 5.97 -5.62
C TRP B 85 -14.82 4.79 -4.71
N THR B 86 -14.63 4.96 -3.42
CA THR B 86 -14.52 3.78 -2.54
C THR B 86 -15.85 3.28 -1.97
N ALA B 87 -16.73 4.21 -1.61
CA ALA B 87 -17.88 3.92 -0.75
C ALA B 87 -19.13 3.47 -1.52
N ILE B 88 -19.02 2.36 -2.25
CA ILE B 88 -20.09 1.94 -3.17
C ILE B 88 -21.41 1.54 -2.49
N HIS B 89 -21.31 1.02 -1.27
CA HIS B 89 -22.50 0.67 -0.48
C HIS B 89 -22.83 1.72 0.56
N GLY B 90 -22.21 2.90 0.44
CA GLY B 90 -22.31 3.93 1.48
C GLY B 90 -21.48 3.59 2.70
N HIS B 91 -21.35 4.54 3.61
CA HIS B 91 -20.57 4.34 4.83
C HIS B 91 -21.38 3.65 5.87
N GLY B 92 -20.72 2.87 6.73
CA GLY B 92 -21.39 2.23 7.85
C GLY B 92 -22.57 1.35 7.48
N HIS B 93 -22.48 0.64 6.35
CA HIS B 93 -23.50 -0.33 5.99
C HIS B 93 -23.49 -1.43 7.02
N PRO B 94 -24.67 -1.77 7.57
CA PRO B 94 -24.75 -2.76 8.66
C PRO B 94 -24.11 -4.11 8.33
N ALA B 95 -24.27 -4.59 7.10
CA ALA B 95 -23.70 -5.89 6.70
C ALA B 95 -22.17 -5.87 6.72
N LEU B 96 -21.59 -4.74 6.35
CA LEU B 96 -20.15 -4.63 6.24
C LEU B 96 -19.55 -4.37 7.62
N ASP B 97 -20.20 -3.52 8.42
CA ASP B 97 -19.82 -3.33 9.83
C ASP B 97 -19.81 -4.67 10.55
N GLN B 98 -20.89 -5.44 10.35
CA GLN B 98 -21.03 -6.76 10.96
C GLN B 98 -19.93 -7.74 10.57
N ALA B 99 -19.60 -7.75 9.28
CA ALA B 99 -18.56 -8.65 8.75
C ALA B 99 -17.21 -8.36 9.41
N LEU B 100 -16.88 -7.08 9.51
CA LEU B 100 -15.63 -6.66 10.12
C LEU B 100 -15.59 -7.04 11.59
N THR B 101 -16.65 -6.71 12.32
CA THR B 101 -16.73 -7.02 13.76
C THR B 101 -16.65 -8.53 14.04
N THR B 102 -17.29 -9.34 13.18
N THR B 102 -17.29 -9.32 13.17
CA THR B 102 -17.23 -10.80 13.34
CA THR B 102 -17.26 -10.78 13.28
C THR B 102 -15.81 -11.34 13.15
C THR B 102 -15.83 -11.34 13.13
N GLN B 103 -15.09 -10.82 12.16
CA GLN B 103 -13.71 -11.26 11.92
C GLN B 103 -12.80 -10.80 13.05
N LEU B 104 -13.06 -9.61 13.56
CA LEU B 104 -12.26 -9.06 14.65
C LEU B 104 -12.27 -10.02 15.87
N ARG B 105 -13.39 -10.70 16.08
CA ARG B 105 -13.56 -11.59 17.23
C ARG B 105 -12.81 -12.91 17.11
N VAL B 106 -12.41 -13.28 15.88
CA VAL B 106 -11.72 -14.55 15.68
C VAL B 106 -10.22 -14.39 15.38
N MET B 107 -9.86 -13.46 14.50
CA MET B 107 -8.48 -13.34 14.03
C MET B 107 -8.29 -12.03 13.28
N ASN B 108 -7.57 -11.08 13.88
CA ASN B 108 -7.34 -9.78 13.23
C ASN B 108 -6.45 -9.91 12.00
N HIS B 109 -5.36 -10.65 12.15
CA HIS B 109 -4.34 -10.78 11.12
C HIS B 109 -3.36 -11.84 11.50
N VAL B 110 -2.93 -12.62 10.51
CA VAL B 110 -1.75 -13.47 10.66
C VAL B 110 -0.87 -13.26 9.41
N MET B 111 0.42 -13.58 9.53
CA MET B 111 1.31 -13.50 8.37
C MET B 111 0.92 -14.50 7.29
N PHE B 112 1.01 -14.08 6.04
CA PHE B 112 0.63 -14.94 4.90
C PHE B 112 1.83 -15.77 4.41
N GLY B 113 2.98 -15.58 5.02
CA GLY B 113 4.14 -16.43 4.78
C GLY B 113 4.06 -17.72 5.59
N GLY B 114 3.63 -18.80 4.92
CA GLY B 114 3.55 -20.13 5.54
C GLY B 114 2.21 -20.46 6.16
N LEU B 115 1.32 -19.48 6.20
CA LEU B 115 -0.04 -19.66 6.68
C LEU B 115 -1.05 -19.22 5.63
N THR B 116 -2.23 -19.82 5.70
CA THR B 116 -3.37 -19.39 4.89
C THR B 116 -4.59 -19.33 5.81
N HIS B 117 -5.71 -18.80 5.31
CA HIS B 117 -6.90 -18.61 6.13
C HIS B 117 -8.16 -18.50 5.34
N GLU B 118 -9.30 -18.58 6.03
CA GLU B 118 -10.59 -18.62 5.37
C GLU B 118 -10.96 -17.31 4.62
N PRO B 119 -10.74 -16.12 5.25
CA PRO B 119 -11.05 -14.90 4.47
C PRO B 119 -10.30 -14.82 3.13
N ALA B 120 -8.99 -15.14 3.12
CA ALA B 120 -8.24 -15.12 1.86
C ALA B 120 -8.81 -16.07 0.82
N ALA B 121 -9.14 -17.29 1.26
CA ALA B 121 -9.63 -18.34 0.37
C ALA B 121 -10.98 -17.97 -0.21
N ARG B 122 -11.88 -17.52 0.67
CA ARG B 122 -13.23 -17.10 0.27
C ARG B 122 -13.17 -15.96 -0.75
N LEU B 123 -12.34 -14.95 -0.48
CA LEU B 123 -12.21 -13.82 -1.40
C LEU B 123 -11.58 -14.22 -2.74
N ALA B 124 -10.51 -15.01 -2.70
CA ALA B 124 -9.85 -15.46 -3.92
C ALA B 124 -10.82 -16.25 -4.80
N LYS B 125 -11.57 -17.17 -4.16
CA LYS B 125 -12.63 -17.92 -4.84
C LYS B 125 -13.64 -17.01 -5.51
N LEU B 126 -14.17 -16.03 -4.78
CA LEU B 126 -15.13 -15.06 -5.33
C LEU B 126 -14.56 -14.31 -6.52
N LEU B 127 -13.36 -13.75 -6.33
CA LEU B 127 -12.75 -12.92 -7.35
C LEU B 127 -12.45 -13.68 -8.64
N VAL B 128 -11.94 -14.92 -8.50
CA VAL B 128 -11.70 -15.77 -9.68
C VAL B 128 -13.03 -16.06 -10.44
N ASP B 129 -14.10 -16.26 -9.69
N ASP B 129 -14.10 -16.30 -9.70
CA ASP B 129 -15.42 -16.61 -10.23
CA ASP B 129 -15.40 -16.59 -10.30
C ASP B 129 -16.13 -15.45 -10.93
C ASP B 129 -15.97 -15.41 -11.09
N ILE B 130 -15.83 -14.21 -10.55
CA ILE B 130 -16.55 -13.05 -11.09
C ILE B 130 -15.81 -12.18 -12.12
N THR B 131 -14.48 -12.32 -12.17
CA THR B 131 -13.64 -11.56 -13.10
C THR B 131 -13.70 -12.19 -14.49
N PRO B 132 -13.27 -11.45 -15.54
CA PRO B 132 -13.26 -12.04 -16.88
C PRO B 132 -12.63 -13.43 -16.89
N ALA B 133 -13.15 -14.31 -17.74
CA ALA B 133 -12.68 -15.70 -17.83
C ALA B 133 -11.17 -15.82 -17.99
N GLY B 134 -10.59 -16.84 -17.37
CA GLY B 134 -9.17 -17.10 -17.49
C GLY B 134 -8.29 -16.56 -16.38
N LEU B 135 -8.82 -15.65 -15.57
CA LEU B 135 -8.03 -15.06 -14.48
C LEU B 135 -8.18 -15.94 -13.24
N ASP B 136 -7.17 -16.77 -13.00
CA ASP B 136 -7.28 -17.92 -12.11
C ASP B 136 -6.48 -17.80 -10.80
N THR B 137 -5.57 -16.81 -10.72
CA THR B 137 -4.72 -16.67 -9.54
C THR B 137 -4.78 -15.25 -9.02
N VAL B 138 -4.61 -15.08 -7.70
CA VAL B 138 -4.87 -13.81 -7.05
C VAL B 138 -3.70 -13.48 -6.12
N PHE B 139 -3.10 -12.30 -6.31
CA PHE B 139 -2.04 -11.82 -5.45
C PHE B 139 -2.57 -10.59 -4.74
N PHE B 140 -2.73 -10.70 -3.41
CA PHE B 140 -3.29 -9.59 -2.63
C PHE B 140 -2.21 -8.62 -2.22
N SER B 141 -2.53 -7.33 -2.28
CA SER B 141 -1.65 -6.30 -1.76
C SER B 141 -2.44 -5.23 -1.02
N ASP B 142 -1.77 -4.18 -0.57
N ASP B 142 -1.76 -4.17 -0.60
CA ASP B 142 -2.42 -3.22 0.32
CA ASP B 142 -2.31 -3.17 0.30
C ASP B 142 -2.74 -1.87 -0.34
C ASP B 142 -3.02 -2.03 -0.44
N SER B 143 -2.59 -1.76 -1.66
CA SER B 143 -3.07 -0.58 -2.42
C SER B 143 -3.00 -0.73 -3.93
N GLY B 144 -3.74 0.12 -4.63
CA GLY B 144 -3.80 0.12 -6.09
C GLY B 144 -2.43 0.29 -6.74
N SER B 145 -1.65 1.28 -6.30
CA SER B 145 -0.31 1.50 -6.88
C SER B 145 0.58 0.27 -6.74
N VAL B 146 0.53 -0.40 -5.58
CA VAL B 146 1.31 -1.63 -5.39
C VAL B 146 0.83 -2.74 -6.33
N SER B 147 -0.49 -2.88 -6.49
CA SER B 147 -1.01 -3.94 -7.36
C SER B 147 -0.58 -3.72 -8.82
N VAL B 148 -0.39 -2.46 -9.19
CA VAL B 148 0.10 -2.10 -10.54
C VAL B 148 1.58 -2.50 -10.70
N GLU B 149 2.38 -2.23 -9.68
CA GLU B 149 3.78 -2.67 -9.66
C GLU B 149 3.88 -4.19 -9.69
N VAL B 150 3.00 -4.88 -8.95
CA VAL B 150 2.94 -6.35 -8.97
C VAL B 150 2.61 -6.84 -10.38
N ALA B 151 1.65 -6.19 -11.03
CA ALA B 151 1.25 -6.56 -12.40
C ALA B 151 2.42 -6.42 -13.38
N ALA B 152 3.15 -5.32 -13.25
CA ALA B 152 4.33 -5.09 -14.07
C ALA B 152 5.40 -6.13 -13.78
N LYS B 153 5.57 -6.48 -12.51
CA LYS B 153 6.55 -7.49 -12.12
C LYS B 153 6.21 -8.86 -12.72
N MET B 154 4.92 -9.21 -12.69
CA MET B 154 4.45 -10.45 -13.30
C MET B 154 4.80 -10.47 -14.78
N ALA B 155 4.52 -9.37 -15.47
CA ALA B 155 4.77 -9.27 -16.92
C ALA B 155 6.27 -9.41 -17.24
N LEU B 156 7.10 -8.70 -16.49
CA LEU B 156 8.54 -8.80 -16.71
C LEU B 156 9.09 -10.20 -16.39
N GLN B 157 8.67 -10.77 -15.27
CA GLN B 157 9.13 -12.12 -14.91
C GLN B 157 8.62 -13.17 -15.88
N TYR B 158 7.44 -12.93 -16.45
CA TYR B 158 6.85 -13.82 -17.45
C TYR B 158 7.79 -13.93 -18.66
N TRP B 159 8.17 -12.80 -19.23
CA TRP B 159 9.07 -12.81 -20.40
C TRP B 159 10.46 -13.29 -20.09
N ARG B 160 10.96 -13.00 -18.90
CA ARG B 160 12.23 -13.56 -18.45
C ARG B 160 12.13 -15.10 -18.38
N GLY B 161 10.98 -15.59 -17.93
CA GLY B 161 10.70 -17.03 -17.92
C GLY B 161 10.53 -17.68 -19.30
N ARG B 162 10.29 -16.86 -20.33
CA ARG B 162 10.20 -17.34 -21.71
C ARG B 162 11.53 -17.17 -22.46
N GLY B 163 12.54 -16.68 -21.76
CA GLY B 163 13.84 -16.41 -22.37
C GLY B 163 13.88 -15.15 -23.21
N LEU B 164 12.99 -14.20 -22.91
CA LEU B 164 12.97 -12.92 -23.62
C LEU B 164 13.08 -11.70 -22.68
N PRO B 165 14.27 -11.49 -22.08
CA PRO B 165 14.47 -10.40 -21.11
C PRO B 165 14.48 -9.00 -21.72
N GLY B 166 14.57 -8.92 -23.05
CA GLY B 166 14.44 -7.63 -23.74
C GLY B 166 13.04 -7.03 -23.63
N LYS B 167 12.03 -7.88 -23.41
CA LYS B 167 10.65 -7.41 -23.31
C LYS B 167 10.40 -6.92 -21.88
N ARG B 168 10.67 -5.63 -21.68
CA ARG B 168 10.70 -5.03 -20.35
C ARG B 168 10.06 -3.64 -20.30
N ARG B 169 9.66 -3.09 -21.46
CA ARG B 169 9.00 -1.78 -21.49
C ARG B 169 7.49 -1.95 -21.45
N LEU B 170 6.79 -0.88 -21.10
CA LEU B 170 5.33 -0.86 -21.08
C LEU B 170 4.79 0.11 -22.12
N MET B 171 3.61 -0.20 -22.65
CA MET B 171 2.94 0.71 -23.57
C MET B 171 1.56 1.05 -23.03
N THR B 172 1.16 2.31 -23.19
CA THR B 172 -0.19 2.72 -22.84
C THR B 172 -0.68 3.82 -23.78
N TRP B 173 -1.91 4.28 -23.58
CA TRP B 173 -2.36 5.47 -24.28
C TRP B 173 -2.37 6.62 -23.33
N ARG B 174 -2.38 7.83 -23.86
CA ARG B 174 -2.42 9.03 -23.02
C ARG B 174 -3.74 9.18 -22.26
N GLY B 175 -3.72 10.01 -21.22
CA GLY B 175 -4.90 10.34 -20.42
C GLY B 175 -5.11 9.44 -19.22
N GLY B 176 -4.16 8.52 -19.00
CA GLY B 176 -4.32 7.48 -17.98
C GLY B 176 -3.80 7.86 -16.62
N TYR B 177 -4.16 7.04 -15.63
CA TYR B 177 -3.62 7.13 -14.29
C TYR B 177 -3.53 5.74 -13.69
N HIS B 178 -2.38 5.41 -13.09
CA HIS B 178 -2.13 4.07 -12.57
C HIS B 178 -1.51 4.05 -11.20
N GLY B 179 -1.48 5.21 -10.56
CA GLY B 179 -0.92 5.30 -9.20
C GLY B 179 0.35 6.13 -9.10
N ASP B 180 0.91 6.17 -7.90
CA ASP B 180 1.92 7.17 -7.51
C ASP B 180 3.30 6.62 -7.18
N THR B 181 3.43 5.30 -7.09
CA THR B 181 4.78 4.71 -6.94
C THR B 181 5.52 4.92 -8.26
N PHE B 182 6.85 4.84 -8.24
CA PHE B 182 7.66 5.29 -9.37
C PHE B 182 7.43 4.56 -10.70
N LEU B 183 7.19 3.27 -10.66
CA LEU B 183 6.89 2.54 -11.91
CA LEU B 183 6.88 2.54 -11.90
C LEU B 183 5.49 2.90 -12.40
N ALA B 184 4.53 2.96 -11.48
CA ALA B 184 3.16 3.35 -11.83
C ALA B 184 3.13 4.74 -12.47
N MET B 185 3.95 5.66 -11.95
CA MET B 185 4.05 7.02 -12.47
C MET B 185 4.48 7.01 -13.95
N SER B 186 5.32 6.05 -14.30
CA SER B 186 5.91 6.00 -15.64
C SER B 186 4.89 5.74 -16.75
N ILE B 187 3.72 5.20 -16.40
CA ILE B 187 2.64 5.01 -17.38
C ILE B 187 1.46 5.97 -17.17
N CYS B 188 1.59 6.87 -16.20
CA CYS B 188 0.59 7.92 -16.01
C CYS B 188 0.67 8.95 -17.12
N ASP B 189 -0.44 9.64 -17.37
CA ASP B 189 -0.46 10.71 -18.37
C ASP B 189 0.67 11.71 -18.12
N PRO B 190 1.53 11.95 -19.14
CA PRO B 190 2.69 12.84 -18.96
C PRO B 190 2.35 14.25 -18.47
N HIS B 191 1.21 14.81 -18.88
CA HIS B 191 0.79 16.13 -18.39
C HIS B 191 0.25 16.10 -17.00
N GLY B 192 -0.75 15.25 -16.78
CA GLY B 192 -1.34 15.08 -15.45
C GLY B 192 -0.29 14.73 -14.42
N GLY B 193 0.68 13.92 -14.82
CA GLY B 193 1.75 13.46 -13.92
C GLY B 193 2.95 14.37 -13.81
N MET B 194 2.88 15.52 -14.48
CA MET B 194 3.99 16.48 -14.53
C MET B 194 5.33 15.77 -14.74
N HIS B 195 5.42 14.99 -15.81
CA HIS B 195 6.62 14.23 -16.10
C HIS B 195 7.78 15.14 -16.44
N SER B 196 7.46 16.40 -16.71
CA SER B 196 8.42 17.45 -17.02
C SER B 196 9.48 17.60 -15.94
N LEU B 197 9.05 17.50 -14.68
CA LEU B 197 9.95 17.66 -13.56
C LEU B 197 10.48 16.31 -13.02
N TRP B 198 10.24 15.25 -13.78
CA TRP B 198 10.78 13.93 -13.46
C TRP B 198 11.68 13.42 -14.56
N THR B 199 12.17 14.33 -15.41
CA THR B 199 13.11 13.94 -16.45
C THR B 199 14.40 13.40 -15.84
N ASP B 200 14.86 12.27 -16.39
CA ASP B 200 16.04 11.54 -15.93
C ASP B 200 15.81 10.70 -14.66
N VAL B 201 14.56 10.57 -14.22
CA VAL B 201 14.24 9.66 -13.10
C VAL B 201 13.26 8.53 -13.46
N LEU B 202 12.20 8.86 -14.20
CA LEU B 202 11.18 7.88 -14.60
C LEU B 202 11.65 7.03 -15.76
N ALA B 203 11.24 5.76 -15.77
CA ALA B 203 11.43 4.90 -16.94
C ALA B 203 10.66 5.52 -18.11
N ALA B 204 11.26 5.51 -19.30
CA ALA B 204 10.62 6.07 -20.48
C ALA B 204 9.79 5.00 -21.19
N GLN B 205 8.47 5.13 -21.07
CA GLN B 205 7.55 4.14 -21.62
C GLN B 205 6.98 4.59 -22.98
N VAL B 206 6.23 3.71 -23.62
CA VAL B 206 5.70 4.00 -24.96
C VAL B 206 4.28 4.53 -24.82
N PHE B 207 4.02 5.73 -25.34
CA PHE B 207 2.69 6.32 -25.26
C PHE B 207 2.04 6.48 -26.62
N ALA B 208 0.88 5.84 -26.79
CA ALA B 208 -0.01 6.12 -27.91
C ALA B 208 -0.80 7.41 -27.63
N PRO B 209 -1.36 8.03 -28.69
CA PRO B 209 -2.18 9.22 -28.50
C PRO B 209 -3.41 8.94 -27.62
N GLN B 210 -4.00 10.00 -27.08
CA GLN B 210 -5.26 9.90 -26.35
C GLN B 210 -6.28 9.07 -27.15
N VAL B 211 -6.82 8.03 -26.52
CA VAL B 211 -7.91 7.25 -27.11
C VAL B 211 -9.21 8.09 -27.21
N PRO B 212 -9.83 8.12 -28.41
CA PRO B 212 -11.04 8.92 -28.63
C PRO B 212 -12.27 8.33 -27.96
N ARG B 213 -13.32 9.15 -27.80
CA ARG B 213 -14.60 8.66 -27.28
C ARG B 213 -15.24 7.68 -28.28
N ASP B 214 -15.46 8.17 -29.50
CA ASP B 214 -16.15 7.38 -30.52
C ASP B 214 -15.18 6.44 -31.21
N TYR B 215 -15.68 5.29 -31.65
CA TYR B 215 -14.84 4.25 -32.22
C TYR B 215 -14.36 4.59 -33.62
N ASP B 216 -13.04 4.59 -33.80
CA ASP B 216 -12.41 4.86 -35.08
C ASP B 216 -11.33 3.79 -35.30
N PRO B 217 -11.61 2.84 -36.22
CA PRO B 217 -10.67 1.78 -36.57
C PRO B 217 -9.27 2.31 -36.91
N ALA B 218 -9.19 3.55 -37.40
CA ALA B 218 -7.91 4.16 -37.74
C ALA B 218 -7.03 4.32 -36.52
N TYR B 219 -7.64 4.64 -35.38
CA TYR B 219 -6.88 4.80 -34.14
C TYR B 219 -6.23 3.46 -33.74
N SER B 220 -7.00 2.38 -33.82
CA SER B 220 -6.53 1.03 -33.49
C SER B 220 -5.42 0.59 -34.44
N ALA B 221 -5.56 0.91 -35.73
CA ALA B 221 -4.52 0.57 -36.71
C ALA B 221 -3.20 1.28 -36.39
N ALA B 222 -3.29 2.56 -36.03
CA ALA B 222 -2.13 3.35 -35.65
C ALA B 222 -1.50 2.85 -34.36
N PHE B 223 -2.34 2.44 -33.41
CA PHE B 223 -1.87 1.85 -32.15
C PHE B 223 -1.07 0.57 -32.45
N GLU B 224 -1.63 -0.29 -33.29
CA GLU B 224 -0.96 -1.52 -33.73
C GLU B 224 0.39 -1.24 -34.39
N ALA B 225 0.43 -0.27 -35.32
CA ALA B 225 1.67 0.07 -36.03
C ALA B 225 2.75 0.55 -35.06
N GLN B 226 2.36 1.35 -34.07
CA GLN B 226 3.30 1.82 -33.06
C GLN B 226 3.79 0.65 -32.18
N LEU B 227 2.85 -0.19 -31.73
CA LEU B 227 3.21 -1.36 -30.95
C LEU B 227 4.15 -2.29 -31.73
N ALA B 228 3.86 -2.49 -33.02
CA ALA B 228 4.63 -3.41 -33.86
C ALA B 228 6.13 -3.09 -33.88
N GLN B 229 6.48 -1.81 -33.95
CA GLN B 229 7.87 -1.43 -34.03
C GLN B 229 8.60 -1.59 -32.70
N HIS B 230 7.82 -1.70 -31.61
CA HIS B 230 8.36 -1.85 -30.26
C HIS B 230 8.15 -3.22 -29.67
N ALA B 231 7.52 -4.13 -30.42
CA ALA B 231 7.07 -5.40 -29.85
C ALA B 231 8.18 -6.19 -29.17
N GLY B 232 9.38 -6.17 -29.76
CA GLY B 232 10.53 -6.90 -29.22
C GLY B 232 11.03 -6.40 -27.88
N GLU B 233 10.60 -5.21 -27.49
CA GLU B 233 11.03 -4.66 -26.20
C GLU B 233 9.88 -4.39 -25.22
N LEU B 234 8.67 -4.77 -25.62
CA LEU B 234 7.49 -4.53 -24.79
C LEU B 234 7.06 -5.76 -23.99
N ALA B 235 6.94 -5.59 -22.68
CA ALA B 235 6.40 -6.64 -21.83
C ALA B 235 4.86 -6.65 -21.86
N ALA B 236 4.26 -5.47 -21.84
CA ALA B 236 2.81 -5.36 -21.68
C ALA B 236 2.26 -4.04 -22.19
N VAL B 237 1.00 -4.08 -22.61
CA VAL B 237 0.14 -2.90 -22.72
C VAL B 237 -0.67 -2.80 -21.42
N VAL B 238 -0.67 -1.61 -20.82
CA VAL B 238 -1.45 -1.35 -19.60
C VAL B 238 -2.41 -0.20 -19.85
N VAL B 239 -3.71 -0.44 -19.64
CA VAL B 239 -4.73 0.59 -19.82
C VAL B 239 -5.85 0.48 -18.78
N GLU B 240 -6.54 1.60 -18.55
CA GLU B 240 -7.83 1.59 -17.86
C GLU B 240 -8.90 1.31 -18.91
N PRO B 241 -9.72 0.25 -18.71
CA PRO B 241 -10.78 -0.11 -19.66
C PRO B 241 -12.05 0.76 -19.56
N VAL B 242 -12.47 1.30 -20.70
CA VAL B 242 -13.75 2.06 -20.85
C VAL B 242 -13.73 3.47 -20.24
N VAL B 243 -13.30 3.58 -18.98
CA VAL B 243 -13.28 4.88 -18.29
C VAL B 243 -11.87 5.19 -17.78
N GLN B 244 -11.33 6.33 -18.19
CA GLN B 244 -10.11 6.86 -17.61
C GLN B 244 -10.51 7.82 -16.51
N GLY B 245 -10.18 7.45 -15.28
CA GLY B 245 -10.64 8.21 -14.11
C GLY B 245 -9.87 9.48 -13.83
N ALA B 246 -8.83 9.37 -13.04
CA ALA B 246 -8.10 10.51 -12.50
C ALA B 246 -7.40 11.36 -13.55
N GLY B 247 -7.14 10.79 -14.72
CA GLY B 247 -6.48 11.50 -15.82
C GLY B 247 -7.41 12.39 -16.65
N GLY B 248 -8.70 12.39 -16.33
CA GLY B 248 -9.64 13.29 -17.01
C GLY B 248 -11.09 12.87 -17.16
N MET B 249 -11.50 11.78 -16.51
CA MET B 249 -12.89 11.31 -16.56
C MET B 249 -13.39 11.20 -17.99
N ARG B 250 -12.58 10.57 -18.83
CA ARG B 250 -12.88 10.36 -20.25
C ARG B 250 -13.37 8.95 -20.47
N PHE B 251 -14.37 8.80 -21.35
CA PHE B 251 -14.93 7.50 -21.68
C PHE B 251 -14.53 7.16 -23.12
N HIS B 252 -14.26 5.89 -23.39
CA HIS B 252 -13.99 5.43 -24.77
C HIS B 252 -14.79 4.21 -25.11
N ASP B 253 -15.07 4.05 -26.40
CA ASP B 253 -15.84 2.92 -26.91
C ASP B 253 -15.17 1.60 -26.50
N PRO B 254 -15.95 0.67 -25.91
CA PRO B 254 -15.42 -0.63 -25.49
C PRO B 254 -14.74 -1.42 -26.60
N ARG B 255 -15.10 -1.16 -27.85
CA ARG B 255 -14.51 -1.87 -28.97
C ARG B 255 -12.98 -1.66 -29.10
N TYR B 256 -12.46 -0.54 -28.60
CA TYR B 256 -11.01 -0.32 -28.56
C TYR B 256 -10.28 -1.39 -27.75
N LEU B 257 -10.94 -1.91 -26.72
CA LEU B 257 -10.36 -2.95 -25.86
C LEU B 257 -10.34 -4.30 -26.58
N HIS B 258 -11.36 -4.55 -27.41
CA HIS B 258 -11.41 -5.73 -28.25
C HIS B 258 -10.21 -5.70 -29.19
N ASP B 259 -9.93 -4.53 -29.75
CA ASP B 259 -8.78 -4.33 -30.63
C ASP B 259 -7.44 -4.55 -29.91
N LEU B 260 -7.29 -4.01 -28.71
CA LEU B 260 -6.04 -4.21 -27.93
C LEU B 260 -5.80 -5.68 -27.63
N ARG B 261 -6.85 -6.42 -27.29
CA ARG B 261 -6.73 -7.86 -27.02
C ARG B 261 -6.18 -8.59 -28.25
N ASP B 262 -6.75 -8.25 -29.40
CA ASP B 262 -6.32 -8.78 -30.69
C ASP B 262 -4.87 -8.43 -31.02
N ILE B 263 -4.53 -7.15 -30.94
CA ILE B 263 -3.16 -6.67 -31.20
C ILE B 263 -2.18 -7.38 -30.26
N CYS B 264 -2.50 -7.40 -28.97
CA CYS B 264 -1.60 -8.03 -28.00
C CYS B 264 -1.39 -9.51 -28.29
N ARG B 265 -2.45 -10.22 -28.65
CA ARG B 265 -2.37 -11.63 -29.01
C ARG B 265 -1.42 -11.86 -30.18
N ARG B 266 -1.63 -11.11 -31.27
CA ARG B 266 -0.87 -11.31 -32.50
C ARG B 266 0.60 -10.93 -32.39
N TYR B 267 0.90 -9.92 -31.58
CA TYR B 267 2.27 -9.43 -31.43
C TYR B 267 2.98 -9.96 -30.18
N GLU B 268 2.30 -10.80 -29.42
CA GLU B 268 2.88 -11.46 -28.24
C GLU B 268 3.34 -10.44 -27.20
N VAL B 269 2.41 -9.56 -26.80
CA VAL B 269 2.64 -8.60 -25.72
C VAL B 269 1.49 -8.82 -24.73
N LEU B 270 1.77 -8.95 -23.43
CA LEU B 270 0.69 -9.12 -22.44
C LEU B 270 -0.25 -7.91 -22.37
N LEU B 271 -1.54 -8.17 -22.10
CA LEU B 271 -2.52 -7.12 -21.86
C LEU B 271 -2.90 -7.04 -20.37
N ILE B 272 -2.69 -5.86 -19.79
CA ILE B 272 -3.05 -5.58 -18.41
C ILE B 272 -4.15 -4.54 -18.32
N PHE B 273 -5.25 -4.91 -17.67
CA PHE B 273 -6.33 -3.97 -17.43
C PHE B 273 -6.26 -3.50 -15.98
N ASP B 274 -6.20 -2.19 -15.80
CA ASP B 274 -6.22 -1.61 -14.48
C ASP B 274 -7.68 -1.21 -14.19
N GLU B 275 -8.38 -2.06 -13.42
CA GLU B 275 -9.77 -1.80 -13.08
C GLU B 275 -9.91 -1.32 -11.63
N ILE B 276 -8.88 -0.65 -11.13
CA ILE B 276 -8.88 -0.15 -9.75
C ILE B 276 -9.99 0.88 -9.52
N ALA B 277 -10.33 1.66 -10.56
CA ALA B 277 -11.45 2.61 -10.46
C ALA B 277 -12.76 2.08 -11.07
N THR B 278 -12.66 1.26 -12.11
CA THR B 278 -13.83 0.80 -12.86
C THR B 278 -14.53 -0.44 -12.28
N GLY B 279 -13.86 -1.16 -11.39
CA GLY B 279 -14.34 -2.47 -10.92
C GLY B 279 -15.63 -2.43 -10.11
N PHE B 280 -16.27 -3.59 -9.96
CA PHE B 280 -17.43 -3.75 -9.06
C PHE B 280 -18.62 -2.87 -9.41
N GLY B 281 -18.97 -2.91 -10.69
CA GLY B 281 -20.23 -2.35 -11.18
C GLY B 281 -20.29 -0.87 -11.56
N ARG B 282 -19.22 -0.11 -11.27
CA ARG B 282 -19.24 1.35 -11.42
C ARG B 282 -19.65 1.87 -12.82
N THR B 283 -19.20 1.17 -13.87
CA THR B 283 -19.44 1.62 -15.25
C THR B 283 -20.69 1.01 -15.88
N GLY B 284 -21.43 0.22 -15.10
CA GLY B 284 -22.64 -0.45 -15.61
C GLY B 284 -22.44 -1.92 -15.94
N ALA B 285 -21.19 -2.39 -15.89
CA ALA B 285 -20.90 -3.82 -15.97
C ALA B 285 -20.09 -4.21 -14.72
N LEU B 286 -20.07 -5.50 -14.37
CA LEU B 286 -19.40 -5.91 -13.14
C LEU B 286 -17.93 -5.44 -13.17
N PHE B 287 -17.29 -5.66 -14.31
CA PHE B 287 -15.99 -5.08 -14.60
C PHE B 287 -16.06 -4.49 -15.99
N ALA B 288 -15.37 -3.38 -16.20
CA ALA B 288 -15.52 -2.65 -17.46
C ALA B 288 -15.13 -3.49 -18.66
N ALA B 289 -14.20 -4.44 -18.46
CA ALA B 289 -13.80 -5.37 -19.51
C ALA B 289 -15.00 -6.13 -20.10
N ASP B 290 -16.02 -6.33 -19.27
CA ASP B 290 -17.23 -7.04 -19.67
C ASP B 290 -18.02 -6.30 -20.76
N HIS B 291 -17.83 -4.98 -20.85
CA HIS B 291 -18.44 -4.20 -21.95
C HIS B 291 -17.91 -4.64 -23.28
N ALA B 292 -16.65 -5.06 -23.29
CA ALA B 292 -15.96 -5.46 -24.52
C ALA B 292 -15.99 -6.97 -24.76
N GLY B 293 -16.33 -7.74 -23.72
CA GLY B 293 -16.32 -9.21 -23.79
C GLY B 293 -14.92 -9.77 -23.99
N VAL B 294 -13.95 -9.14 -23.33
CA VAL B 294 -12.55 -9.48 -23.49
C VAL B 294 -11.90 -9.77 -22.13
N SER B 295 -10.91 -10.66 -22.13
CA SER B 295 -10.12 -10.94 -20.93
C SER B 295 -8.69 -10.44 -21.06
N PRO B 296 -8.21 -9.66 -20.07
CA PRO B 296 -6.78 -9.34 -20.04
C PRO B 296 -5.97 -10.54 -19.54
N ASP B 297 -4.65 -10.49 -19.69
CA ASP B 297 -3.78 -11.51 -19.12
C ASP B 297 -3.58 -11.27 -17.62
N ILE B 298 -3.58 -10.00 -17.26
CA ILE B 298 -3.38 -9.54 -15.86
C ILE B 298 -4.41 -8.43 -15.59
N MET B 299 -4.97 -8.44 -14.38
CA MET B 299 -5.98 -7.46 -14.01
C MET B 299 -5.71 -6.91 -12.61
N CYS B 300 -5.90 -5.61 -12.44
CA CYS B 300 -5.78 -4.98 -11.12
C CYS B 300 -7.13 -4.47 -10.62
N VAL B 301 -7.38 -4.65 -9.32
CA VAL B 301 -8.59 -4.11 -8.64
C VAL B 301 -8.21 -3.48 -7.30
N GLY B 302 -9.05 -2.56 -6.79
CA GLY B 302 -8.68 -1.85 -5.57
C GLY B 302 -9.71 -1.00 -4.84
N LYS B 303 -9.99 0.19 -5.37
CA LYS B 303 -10.70 1.23 -4.61
C LYS B 303 -11.99 0.79 -3.91
N ALA B 304 -12.90 0.14 -4.64
CA ALA B 304 -14.16 -0.29 -4.05
C ALA B 304 -14.15 -1.73 -3.52
N LEU B 305 -12.99 -2.39 -3.57
CA LEU B 305 -12.88 -3.80 -3.18
C LEU B 305 -13.42 -4.07 -1.77
N THR B 306 -13.13 -3.19 -0.82
CA THR B 306 -13.59 -3.38 0.55
C THR B 306 -14.86 -2.61 0.87
N GLY B 307 -15.53 -2.08 -0.16
CA GLY B 307 -16.66 -1.16 0.06
C GLY B 307 -16.24 0.14 0.73
N GLY B 308 -14.97 0.49 0.63
CA GLY B 308 -14.46 1.75 1.14
C GLY B 308 -14.12 1.75 2.62
N TYR B 309 -14.01 0.56 3.21
CA TYR B 309 -13.66 0.44 4.61
C TYR B 309 -12.15 0.51 4.87
N LEU B 310 -11.41 -0.23 4.05
CA LEU B 310 -10.00 -0.48 4.33
C LEU B 310 -9.21 -0.61 3.05
N SER B 311 -7.91 -0.32 3.12
CA SER B 311 -7.02 -0.47 1.98
CA SER B 311 -7.05 -0.47 1.96
C SER B 311 -6.83 -1.95 1.65
N LEU B 312 -7.09 -2.33 0.42
CA LEU B 312 -6.85 -3.68 -0.08
C LEU B 312 -6.88 -3.56 -1.59
N ALA B 313 -6.02 -4.34 -2.25
CA ALA B 313 -5.99 -4.42 -3.70
C ALA B 313 -5.65 -5.85 -4.10
N ALA B 314 -5.91 -6.20 -5.36
CA ALA B 314 -5.55 -7.52 -5.87
C ALA B 314 -5.07 -7.43 -7.31
N THR B 315 -4.18 -8.34 -7.68
CA THR B 315 -3.67 -8.46 -9.04
C THR B 315 -3.95 -9.89 -9.41
N LEU B 316 -4.73 -10.09 -10.46
CA LEU B 316 -5.07 -11.42 -10.91
C LEU B 316 -4.34 -11.70 -12.20
N CYS B 317 -4.00 -12.96 -12.43
CA CYS B 317 -3.39 -13.36 -13.69
C CYS B 317 -3.84 -14.74 -14.10
N THR B 318 -3.59 -15.06 -15.37
CA THR B 318 -3.96 -16.34 -15.95
C THR B 318 -3.04 -17.44 -15.42
N ALA B 319 -3.48 -18.67 -15.57
CA ALA B 319 -2.67 -19.84 -15.22
C ALA B 319 -1.37 -19.83 -16.02
N ASP B 320 -1.44 -19.49 -17.32
CA ASP B 320 -0.24 -19.42 -18.14
C ASP B 320 0.80 -18.45 -17.55
N VAL B 321 0.36 -17.24 -17.17
CA VAL B 321 1.30 -16.28 -16.60
C VAL B 321 1.90 -16.85 -15.29
N ALA B 322 1.04 -17.38 -14.41
CA ALA B 322 1.51 -17.92 -13.11
C ALA B 322 2.50 -19.07 -13.26
N HIS B 323 2.20 -20.00 -14.17
CA HIS B 323 3.07 -21.14 -14.40
C HIS B 323 4.41 -20.77 -15.00
N THR B 324 4.39 -19.82 -15.94
CA THR B 324 5.63 -19.38 -16.61
C THR B 324 6.57 -18.67 -15.62
N ILE B 325 5.99 -17.83 -14.77
CA ILE B 325 6.76 -17.17 -13.72
C ILE B 325 7.37 -18.21 -12.78
N SER B 326 6.55 -19.17 -12.36
CA SER B 326 6.93 -20.16 -11.36
C SER B 326 7.99 -21.15 -11.87
N ALA B 327 8.09 -21.27 -13.20
CA ALA B 327 9.09 -22.13 -13.86
C ALA B 327 10.40 -21.39 -14.17
N GLY B 328 10.37 -20.06 -14.07
CA GLY B 328 11.54 -19.21 -14.36
C GLY B 328 12.62 -19.20 -13.28
N ALA B 329 13.68 -18.43 -13.51
CA ALA B 329 14.92 -18.48 -12.71
C ALA B 329 14.76 -18.18 -11.22
N ALA B 330 13.86 -17.26 -10.87
CA ALA B 330 13.58 -16.98 -9.46
C ALA B 330 12.77 -18.11 -8.82
N GLY B 331 12.00 -18.81 -9.64
CA GLY B 331 11.13 -19.90 -9.15
C GLY B 331 9.95 -19.39 -8.33
N ALA B 332 9.78 -18.07 -8.30
CA ALA B 332 8.77 -17.43 -7.48
C ALA B 332 8.56 -15.99 -7.93
N LEU B 333 7.37 -15.45 -7.69
CA LEU B 333 7.14 -14.03 -7.89
C LEU B 333 7.73 -13.31 -6.70
N MET B 334 8.67 -12.42 -7.01
CA MET B 334 9.51 -11.73 -6.03
CA MET B 334 9.49 -11.78 -5.99
C MET B 334 8.80 -10.54 -5.39
N HIS B 335 7.72 -10.81 -4.65
CA HIS B 335 6.93 -9.77 -4.01
C HIS B 335 6.21 -10.39 -2.84
N GLY B 336 5.97 -9.60 -1.80
CA GLY B 336 5.29 -10.09 -0.61
C GLY B 336 5.08 -8.99 0.41
N PRO B 337 3.97 -8.25 0.31
CA PRO B 337 3.69 -7.18 1.29
C PRO B 337 3.47 -7.73 2.70
N THR B 338 3.92 -6.99 3.71
CA THR B 338 3.71 -7.36 5.11
C THR B 338 2.29 -7.81 5.43
N PHE B 339 1.31 -7.00 5.05
CA PHE B 339 -0.10 -7.26 5.38
C PHE B 339 -0.85 -8.01 4.30
N MET B 340 -0.11 -8.70 3.44
CA MET B 340 -0.68 -9.50 2.37
C MET B 340 -1.85 -10.34 2.86
N ALA B 341 -2.99 -10.18 2.19
CA ALA B 341 -4.22 -10.94 2.46
C ALA B 341 -4.75 -10.78 3.89
N ASN B 342 -4.61 -9.58 4.46
CA ASN B 342 -5.10 -9.27 5.79
C ASN B 342 -6.55 -9.78 6.03
N PRO B 343 -6.73 -10.66 7.04
CA PRO B 343 -8.07 -11.21 7.33
C PRO B 343 -9.18 -10.17 7.51
N LEU B 344 -8.91 -9.06 8.21
CA LEU B 344 -9.93 -8.03 8.40
C LEU B 344 -10.37 -7.42 7.06
N ALA B 345 -9.40 -7.00 6.25
CA ALA B 345 -9.74 -6.41 4.96
C ALA B 345 -10.42 -7.42 4.04
N CYS B 346 -9.94 -8.68 4.04
CA CYS B 346 -10.50 -9.72 3.17
C CYS B 346 -11.93 -10.06 3.57
N ALA B 347 -12.17 -10.09 4.87
CA ALA B 347 -13.51 -10.36 5.42
C ALA B 347 -14.55 -9.33 4.98
N VAL B 348 -14.21 -8.04 5.12
CA VAL B 348 -15.14 -6.99 4.74
CA VAL B 348 -15.12 -6.96 4.72
C VAL B 348 -15.37 -7.01 3.21
N SER B 349 -14.29 -7.29 2.46
CA SER B 349 -14.36 -7.39 1.00
CA SER B 349 -14.37 -7.38 1.01
C SER B 349 -15.31 -8.49 0.56
N VAL B 350 -15.19 -9.67 1.17
CA VAL B 350 -16.10 -10.79 0.88
C VAL B 350 -17.55 -10.31 1.06
N ALA B 351 -17.81 -9.66 2.20
CA ALA B 351 -19.15 -9.15 2.50
C ALA B 351 -19.62 -8.13 1.46
N SER B 352 -18.73 -7.20 1.10
CA SER B 352 -19.04 -6.16 0.12
C SER B 352 -19.38 -6.73 -1.27
N VAL B 353 -18.60 -7.69 -1.72
CA VAL B 353 -18.84 -8.35 -3.01
C VAL B 353 -20.16 -9.15 -2.98
N GLU B 354 -20.35 -9.95 -1.93
CA GLU B 354 -21.58 -10.74 -1.80
C GLU B 354 -22.82 -9.84 -1.74
N LEU B 355 -22.69 -8.68 -1.08
CA LEU B 355 -23.77 -7.71 -0.99
C LEU B 355 -24.11 -7.16 -2.38
N LEU B 356 -23.07 -6.89 -3.18
CA LEU B 356 -23.25 -6.43 -4.56
C LEU B 356 -23.90 -7.53 -5.40
N LEU B 357 -23.38 -8.75 -5.31
CA LEU B 357 -23.89 -9.86 -6.11
C LEU B 357 -25.28 -10.34 -5.68
N GLY B 358 -25.64 -10.08 -4.43
CA GLY B 358 -26.92 -10.56 -3.88
C GLY B 358 -28.12 -9.66 -4.16
N GLN B 359 -27.91 -8.61 -4.95
CA GLN B 359 -28.99 -7.69 -5.33
C GLN B 359 -28.99 -7.54 -6.86
N ASP B 360 -30.01 -6.88 -7.40
CA ASP B 360 -30.04 -6.57 -8.83
C ASP B 360 -29.23 -5.28 -9.06
N TRP B 361 -27.91 -5.43 -8.96
CA TRP B 361 -27.00 -4.30 -9.09
C TRP B 361 -27.07 -3.64 -10.44
N ARG B 362 -27.37 -4.43 -11.49
CA ARG B 362 -27.39 -3.91 -12.86
C ARG B 362 -28.51 -2.90 -13.06
N THR B 363 -29.70 -3.22 -12.52
CA THR B 363 -30.82 -2.30 -12.53
C THR B 363 -30.54 -1.07 -11.66
N ARG B 364 -29.88 -1.28 -10.52
CA ARG B 364 -29.50 -0.18 -9.66
C ARG B 364 -28.60 0.83 -10.38
N ILE B 365 -27.57 0.33 -11.08
CA ILE B 365 -26.67 1.23 -11.80
C ILE B 365 -27.39 1.90 -12.98
N THR B 366 -28.28 1.16 -13.63
CA THR B 366 -29.07 1.72 -14.73
C THR B 366 -29.92 2.90 -14.24
N GLU B 367 -30.56 2.74 -13.08
CA GLU B 367 -31.39 3.82 -12.51
C GLU B 367 -30.55 5.03 -12.13
N LEU B 368 -29.35 4.75 -11.59
CA LEU B 368 -28.42 5.81 -11.22
CA LEU B 368 -28.40 5.78 -11.21
C LEU B 368 -27.96 6.57 -12.46
N ALA B 369 -27.61 5.84 -13.52
CA ALA B 369 -27.19 6.46 -14.78
C ALA B 369 -28.30 7.33 -15.37
N ALA B 370 -29.53 6.82 -15.31
CA ALA B 370 -30.71 7.54 -15.78
C ALA B 370 -30.91 8.83 -15.00
N GLY B 371 -30.79 8.75 -13.68
CA GLY B 371 -30.91 9.91 -12.81
C GLY B 371 -29.83 10.95 -13.08
N LEU B 372 -28.60 10.48 -13.27
CA LEU B 372 -27.50 11.39 -13.58
C LEU B 372 -27.76 12.14 -14.90
N THR B 373 -28.10 11.39 -15.95
CA THR B 373 -28.38 11.96 -17.27
C THR B 373 -29.47 13.04 -17.19
N ALA B 374 -30.60 12.69 -16.58
CA ALA B 374 -31.76 13.58 -16.48
C ALA B 374 -31.42 14.84 -15.69
N GLY B 375 -30.69 14.67 -14.59
CA GLY B 375 -30.30 15.79 -13.73
C GLY B 375 -29.25 16.71 -14.33
N LEU B 376 -28.34 16.15 -15.13
CA LEU B 376 -27.25 16.94 -15.72
C LEU B 376 -27.56 17.55 -17.09
N ASP B 377 -28.69 17.17 -17.68
CA ASP B 377 -29.08 17.64 -19.01
C ASP B 377 -29.14 19.17 -19.14
N THR B 378 -29.67 19.84 -18.11
CA THR B 378 -29.82 21.30 -18.14
CA THR B 378 -29.82 21.30 -18.14
C THR B 378 -28.46 22.03 -18.23
N ALA B 379 -27.38 21.32 -17.90
CA ALA B 379 -26.03 21.89 -17.97
C ALA B 379 -25.51 22.07 -19.40
N ARG B 380 -25.99 21.24 -20.33
CA ARG B 380 -25.52 21.26 -21.72
C ARG B 380 -25.62 22.67 -22.33
N ALA B 381 -26.63 23.42 -21.91
CA ALA B 381 -26.90 24.76 -22.45
C ALA B 381 -26.17 25.91 -21.75
N LEU B 382 -25.39 25.59 -20.71
CA LEU B 382 -24.65 26.63 -19.97
C LEU B 382 -23.44 27.13 -20.76
N PRO B 383 -23.12 28.44 -20.65
CA PRO B 383 -22.08 29.06 -21.47
C PRO B 383 -20.68 28.50 -21.25
N ALA B 384 -20.41 28.01 -20.05
CA ALA B 384 -19.08 27.52 -19.71
C ALA B 384 -18.91 26.02 -19.96
N VAL B 385 -19.96 25.35 -20.43
CA VAL B 385 -20.00 23.90 -20.53
C VAL B 385 -19.73 23.39 -21.96
N THR B 386 -18.71 22.55 -22.10
CA THR B 386 -18.33 21.99 -23.40
C THR B 386 -18.89 20.57 -23.62
N ASP B 387 -19.11 19.84 -22.52
CA ASP B 387 -19.62 18.48 -22.59
C ASP B 387 -20.29 18.05 -21.29
N VAL B 388 -21.28 17.18 -21.44
CA VAL B 388 -21.92 16.48 -20.32
C VAL B 388 -21.95 15.01 -20.74
N ARG B 389 -21.44 14.15 -19.87
CA ARG B 389 -21.34 12.72 -20.19
C ARG B 389 -21.57 11.84 -18.96
N VAL B 390 -22.20 10.70 -19.19
CA VAL B 390 -22.55 9.76 -18.14
C VAL B 390 -22.16 8.35 -18.58
N CYS B 391 -21.60 7.56 -17.66
CA CYS B 391 -21.34 6.15 -17.90
C CYS B 391 -21.57 5.39 -16.60
N GLY B 392 -22.63 4.58 -16.56
CA GLY B 392 -23.04 3.94 -15.31
C GLY B 392 -23.23 4.97 -14.21
N ALA B 393 -22.74 4.67 -13.01
CA ALA B 393 -22.83 5.60 -11.88
C ALA B 393 -21.67 6.62 -11.88
N ILE B 394 -21.44 7.24 -13.03
CA ILE B 394 -20.42 8.31 -13.20
C ILE B 394 -21.04 9.43 -14.04
N GLY B 395 -21.02 10.65 -13.52
CA GLY B 395 -21.58 11.83 -14.21
C GLY B 395 -20.57 12.95 -14.26
N VAL B 396 -20.38 13.54 -15.44
CA VAL B 396 -19.35 14.54 -15.65
C VAL B 396 -19.87 15.77 -16.41
N ILE B 397 -19.57 16.94 -15.88
CA ILE B 397 -19.71 18.20 -16.61
C ILE B 397 -18.30 18.71 -16.89
N GLU B 398 -17.95 18.79 -18.17
CA GLU B 398 -16.67 19.38 -18.57
C GLU B 398 -16.85 20.87 -18.90
N CYS B 399 -16.01 21.71 -18.32
CA CYS B 399 -16.07 23.16 -18.52
C CYS B 399 -14.96 23.67 -19.43
N ASP B 400 -15.08 24.93 -19.88
CA ASP B 400 -14.11 25.56 -20.79
C ASP B 400 -12.96 26.27 -20.07
N ARG B 401 -12.95 26.17 -18.74
CA ARG B 401 -11.93 26.80 -17.91
C ARG B 401 -11.81 26.03 -16.59
N PRO B 402 -10.70 26.23 -15.83
CA PRO B 402 -10.59 25.56 -14.53
C PRO B 402 -11.69 25.99 -13.56
N VAL B 403 -12.12 25.05 -12.71
CA VAL B 403 -13.15 25.30 -11.70
C VAL B 403 -12.48 25.77 -10.42
N ASP B 404 -12.84 26.96 -9.94
CA ASP B 404 -12.28 27.51 -8.71
C ASP B 404 -12.87 26.80 -7.50
N LEU B 405 -12.02 26.05 -6.78
CA LEU B 405 -12.45 25.31 -5.60
C LEU B 405 -12.92 26.20 -4.45
N ALA B 406 -12.37 27.41 -4.38
CA ALA B 406 -12.76 28.38 -3.36
C ALA B 406 -14.20 28.85 -3.55
N VAL B 407 -14.69 28.77 -4.78
CA VAL B 407 -16.08 29.11 -5.10
C VAL B 407 -16.97 27.87 -5.11
N ALA B 408 -16.49 26.80 -5.75
CA ALA B 408 -17.29 25.59 -5.96
C ALA B 408 -17.62 24.81 -4.69
N THR B 409 -16.65 24.70 -3.77
CA THR B 409 -16.81 23.91 -2.55
C THR B 409 -17.91 24.46 -1.62
N PRO B 410 -17.86 25.78 -1.30
CA PRO B 410 -18.93 26.33 -0.47
C PRO B 410 -20.31 26.31 -1.15
N ALA B 411 -20.34 26.51 -2.47
CA ALA B 411 -21.59 26.46 -3.24
C ALA B 411 -22.28 25.10 -3.14
N ALA B 412 -21.47 24.04 -3.26
CA ALA B 412 -21.98 22.68 -3.15
C ALA B 412 -22.44 22.39 -1.71
N LEU B 413 -21.65 22.84 -0.74
CA LEU B 413 -21.95 22.61 0.68
C LEU B 413 -23.27 23.27 1.09
N ASP B 414 -23.49 24.50 0.63
CA ASP B 414 -24.78 25.19 0.81
C ASP B 414 -25.97 24.37 0.33
N ARG B 415 -25.74 23.50 -0.66
CA ARG B 415 -26.77 22.67 -1.23
C ARG B 415 -26.81 21.25 -0.65
N GLY B 416 -26.02 21.02 0.40
CA GLY B 416 -25.99 19.74 1.09
C GLY B 416 -25.23 18.66 0.35
N VAL B 417 -24.26 19.05 -0.46
CA VAL B 417 -23.50 18.10 -1.29
C VAL B 417 -21.99 18.32 -1.16
N TRP B 418 -21.25 17.23 -0.99
CA TRP B 418 -19.78 17.29 -1.02
C TRP B 418 -19.33 16.95 -2.41
N LEU B 419 -18.78 17.96 -3.08
CA LEU B 419 -18.22 17.80 -4.42
C LEU B 419 -16.79 18.31 -4.39
N ARG B 420 -15.92 17.63 -5.13
CA ARG B 420 -14.56 18.14 -5.31
CA ARG B 420 -14.54 18.12 -5.31
C ARG B 420 -14.18 18.10 -6.79
N PRO B 421 -14.36 19.25 -7.48
CA PRO B 421 -13.93 19.33 -8.87
C PRO B 421 -12.41 19.24 -8.96
N PHE B 422 -11.91 18.87 -10.13
CA PHE B 422 -10.49 19.05 -10.44
C PHE B 422 -10.35 19.49 -11.88
N ARG B 423 -9.34 20.33 -12.13
CA ARG B 423 -9.15 20.96 -13.43
C ARG B 423 -10.45 21.60 -13.89
N ASN B 424 -10.93 21.26 -15.09
CA ASN B 424 -12.16 21.82 -15.65
C ASN B 424 -13.37 20.90 -15.49
N LEU B 425 -13.28 19.98 -14.54
CA LEU B 425 -14.28 18.93 -14.40
C LEU B 425 -15.08 19.02 -13.11
N VAL B 426 -16.40 19.07 -13.24
CA VAL B 426 -17.31 18.93 -12.11
C VAL B 426 -17.93 17.56 -12.30
N TYR B 427 -17.73 16.67 -11.33
CA TYR B 427 -18.12 15.28 -11.54
C TYR B 427 -18.58 14.58 -10.28
N ALA B 428 -19.26 13.45 -10.46
CA ALA B 428 -19.75 12.62 -9.35
C ALA B 428 -19.64 11.14 -9.67
N MET B 429 -19.33 10.37 -8.64
CA MET B 429 -19.47 8.91 -8.69
C MET B 429 -20.15 8.49 -7.39
N PRO B 430 -21.48 8.63 -7.34
CA PRO B 430 -22.22 8.51 -6.08
C PRO B 430 -22.31 7.06 -5.61
N PRO B 431 -22.51 6.87 -4.29
CA PRO B 431 -22.76 5.55 -3.75
C PRO B 431 -23.95 4.91 -4.45
N TYR B 432 -23.92 3.59 -4.60
CA TYR B 432 -24.97 2.87 -5.30
C TYR B 432 -26.30 2.93 -4.53
N ILE B 433 -26.23 3.27 -3.25
CA ILE B 433 -27.43 3.30 -2.41
C ILE B 433 -28.23 4.61 -2.52
N CYS B 434 -27.72 5.58 -3.29
CA CYS B 434 -28.37 6.88 -3.46
C CYS B 434 -29.76 6.75 -4.07
N THR B 435 -30.75 7.35 -3.39
CA THR B 435 -32.14 7.35 -3.85
C THR B 435 -32.31 8.32 -5.03
N PRO B 436 -33.42 8.21 -5.78
CA PRO B 436 -33.66 9.17 -6.85
C PRO B 436 -33.60 10.62 -6.37
N ALA B 437 -34.16 10.90 -5.20
CA ALA B 437 -34.13 12.24 -4.61
C ALA B 437 -32.72 12.75 -4.32
N GLU B 438 -31.83 11.85 -3.89
CA GLU B 438 -30.46 12.21 -3.58
C GLU B 438 -29.66 12.49 -4.85
N ILE B 439 -29.95 11.72 -5.90
CA ILE B 439 -29.32 11.94 -7.21
C ILE B 439 -29.73 13.31 -7.78
N THR B 440 -31.01 13.67 -7.62
CA THR B 440 -31.49 14.99 -8.01
C THR B 440 -30.77 16.10 -7.23
N GLN B 441 -30.58 15.88 -5.93
CA GLN B 441 -29.87 16.86 -5.09
C GLN B 441 -28.41 16.99 -5.54
N ILE B 442 -27.77 15.85 -5.83
CA ILE B 442 -26.37 15.83 -6.31
C ILE B 442 -26.22 16.59 -7.63
N THR B 443 -27.04 16.22 -8.61
CA THR B 443 -26.96 16.84 -9.94
C THR B 443 -27.29 18.33 -9.92
N SER B 444 -28.27 18.74 -9.11
CA SER B 444 -28.64 20.15 -8.99
CA SER B 444 -28.63 20.14 -8.99
C SER B 444 -27.46 20.96 -8.49
N ALA B 445 -26.74 20.42 -7.50
CA ALA B 445 -25.55 21.06 -6.97
C ALA B 445 -24.45 21.19 -8.05
N MET B 446 -24.29 20.14 -8.85
CA MET B 446 -23.29 20.11 -9.92
C MET B 446 -23.60 21.16 -10.99
N VAL B 447 -24.86 21.20 -11.40
CA VAL B 447 -25.33 22.18 -12.39
C VAL B 447 -25.07 23.61 -11.93
N GLU B 448 -25.30 23.88 -10.64
CA GLU B 448 -25.08 25.22 -10.09
C GLU B 448 -23.62 25.60 -9.99
N VAL B 449 -22.75 24.62 -9.71
CA VAL B 449 -21.32 24.85 -9.74
C VAL B 449 -20.93 25.28 -11.15
N ALA B 450 -21.43 24.56 -12.15
CA ALA B 450 -21.17 24.85 -13.55
C ALA B 450 -21.68 26.25 -13.94
N ARG B 451 -22.85 26.62 -13.41
CA ARG B 451 -23.40 27.95 -13.62
C ARG B 451 -22.50 29.06 -13.08
N LEU B 452 -21.96 28.85 -11.89
CA LEU B 452 -21.06 29.83 -11.27
C LEU B 452 -19.71 29.96 -11.98
N VAL B 453 -19.33 28.92 -12.72
CA VAL B 453 -18.10 28.94 -13.51
C VAL B 453 -18.24 29.93 -14.69
N GLY B 454 -19.40 29.92 -15.32
CA GLY B 454 -19.69 30.79 -16.47
C GLY B 454 -19.85 32.26 -16.12
N SER B 455 -20.02 32.55 -14.83
CA SER B 455 -20.14 33.91 -14.32
C SER B 455 -18.78 34.60 -14.19
N LEU B 456 -17.71 33.87 -14.53
CA LEU B 456 -16.32 34.34 -14.49
C LEU B 456 -15.89 34.90 -13.12
C1 PGE C . 21.93 -1.34 21.10
O1 PGE C . 22.99 -0.87 21.94
C2 PGE C . 22.51 -1.59 19.71
O2 PGE C . 23.07 -2.91 19.67
C3 PGE C . 23.67 -3.23 18.42
C4 PGE C . 25.14 -2.83 18.42
O4 PGE C . 27.90 -3.71 20.16
C6 PGE C . 28.29 -3.34 18.83
C5 PGE C . 27.22 -3.79 17.83
O3 PGE C . 25.97 -3.99 18.45
N1 PLP D . 11.37 -1.54 4.81
C2 PLP D . 11.74 -2.31 5.87
C2A PLP D . 12.97 -1.97 6.68
C3 PLP D . 10.92 -3.48 6.20
O3 PLP D . 11.25 -4.30 7.24
C4 PLP D . 9.73 -3.74 5.36
C4A PLP D . 8.85 -4.91 5.63
C5 PLP D . 9.43 -2.83 4.23
C6 PLP D . 10.30 -1.76 4.02
C5A PLP D . 8.25 -3.07 3.31
O4P PLP D . 7.00 -3.00 4.00
P PLP D . 5.68 -3.56 3.30
O1P PLP D . 5.58 -2.90 1.93
O2P PLP D . 5.92 -5.04 3.20
O3P PLP D . 4.60 -3.09 4.24
CAI 41F E . -6.12 11.20 -4.15
CAU 41F E . -6.98 11.14 -3.11
NAO 41F E . -6.98 10.25 -2.06
NAN 41F E . -7.72 10.36 -1.33
SAQ 41F E . -8.76 11.67 -1.70
CAV 41F E . -7.98 12.05 -3.03
CAH 41F E . -8.17 13.01 -3.94
CAG 41F E . -7.30 13.11 -5.03
CAS 41F E . -6.24 12.19 -5.14
NAP 41F E . -5.43 12.22 -6.21
CAR 41F E . -5.00 13.34 -6.85
OAA 41F E . -5.16 14.47 -6.40
NAW 41F E . -4.33 13.15 -8.01
CAK 41F E . -4.12 11.78 -8.56
CAM 41F E . -4.38 11.75 -10.06
CAJ 41F E . -3.73 14.34 -8.71
CAL 41F E . -3.57 14.20 -10.24
NAX 41F E . -3.58 12.80 -10.74
CAT 41F E . -2.88 12.41 -11.82
CAE 41F E . -3.54 12.30 -13.05
CAC 41F E . -2.85 11.88 -14.18
CAB 41F E . -1.49 11.54 -14.07
CAD 41F E . -0.84 11.63 -12.83
CAF 41F E . -1.53 12.07 -11.70
CAI 41F F . 7.65 -12.58 4.25
CAU 41F F . 6.36 -12.37 4.67
NAO 41F F . 5.59 -13.06 5.52
NAN 41F F . 4.35 -12.57 5.72
SAQ 41F F . 4.23 -11.20 4.78
CAV 41F F . 5.67 -11.28 4.21
CAH 41F F . 6.17 -10.42 3.36
CAG 41F F . 7.44 -10.60 2.92
CAS 41F F . 8.19 -11.66 3.32
NAP 41F F . 9.39 -11.54 2.78
CAR 41F F . 10.17 -12.45 2.18
OAA 41F F . 9.92 -13.65 2.09
NAW 41F F . 11.29 -11.88 1.70
CAK 41F F . 11.42 -10.41 1.90
CAM 41F F . 12.88 -10.00 2.03
CAJ 41F F . 12.36 -12.66 1.02
CAL 41F F . 13.30 -11.77 0.20
NAX 41F F . 13.67 -10.49 0.88
CAT 41F F . 14.67 -9.73 0.43
CAE 41F F . 15.86 -9.63 1.15
CAC 41F F . 16.90 -8.81 0.69
CAB 41F F . 16.74 -8.10 -0.50
CAD 41F F . 15.55 -8.19 -1.22
CAF 41F F . 14.51 -9.00 -0.76
C1 PEG G . -20.40 2.75 -22.55
O1 PEG G . -20.72 1.35 -22.66
C2 PEG G . -18.94 2.96 -22.94
O2 PEG G . -18.68 4.30 -23.37
C3 PEG G . -18.75 4.42 -24.80
C4 PEG G . -18.28 5.80 -25.24
O4 PEG G . -18.56 5.96 -26.63
N1 PLP H . -5.00 2.79 -10.85
C2 PLP H . -6.18 3.42 -11.09
C2A PLP H . -6.95 3.26 -12.38
C3 PLP H . -6.72 4.31 -10.06
O3 PLP H . -7.89 4.94 -10.28
C4 PLP H . -5.96 4.45 -8.80
C4A PLP H . -6.46 5.34 -7.71
C5 PLP H . -4.69 3.71 -8.65
C6 PLP H . -4.28 2.92 -9.72
C5A PLP H . -3.83 3.85 -7.40
O4P PLP H . -4.50 3.40 -6.23
P PLP H . -3.93 3.80 -4.78
O1P PLP H . -4.24 5.28 -4.67
O2P PLP H . -4.71 2.91 -3.86
O3P PLP H . -2.46 3.52 -4.81
#